data_6CWG
#
_entry.id   6CWG
#
_cell.length_a   76.654
_cell.length_b   76.654
_cell.length_c   134.331
_cell.angle_alpha   90.00
_cell.angle_beta   90.00
_cell.angle_gamma   120.00
#
_symmetry.space_group_name_H-M   'P 31'
#
loop_
_entity.id
_entity.type
_entity.pdbx_description
1 polymer Ricin
2 polymer 'VHH antibody'
3 non-polymer 'CHLORIDE ION'
4 water water
#
loop_
_entity_poly.entity_id
_entity_poly.type
_entity_poly.pdbx_seq_one_letter_code
_entity_poly.pdbx_strand_id
1 'polypeptide(L)'
;MIFPKQYPIINFTTAGATVQSYTNFIRAVRGRLTTGADVRHEIPVLPNRVGLPINQRFILVELSNHAELSVTLALDVTNA
YVVGYRAGNSAYFFHPDNQEDAEAITHLFTDVQNRYTFAFGGNYDRLEQLAGNLRENIELGNGPLEEAISALYYYSTGGT
QLPTLARSFIICIQMISEAARFQYIEGEMRTRIRYNRRSAPDPSVITLENSWGRLSTAIQESNQGAFASPIQLQRRNGSK
FSVYDVSILIPIIALMVYRCAPPPSSQF
;
A,C
2 'polypeptide(L)'
;QVQLAESGGGLVQAGGSLKLSCAASGRDFSMYMLAWFRQAPGKEREFVAAIMCSGGGGGTYYADSMQGRFTISRDNAKKT
VALQMNSLKPEDTAVYYCAASTTYCSATTYSSDRLYDFWGQGTQVTVSSEPKTPKPQ
;
B,D
#
loop_
_chem_comp.id
_chem_comp.type
_chem_comp.name
_chem_comp.formula
CL non-polymer 'CHLORIDE ION' 'Cl -1'
#
# COMPACT_ATOMS: atom_id res chain seq x y z
N GLN A 6 26.60 -19.66 -16.19
CA GLN A 6 25.61 -19.22 -15.22
C GLN A 6 24.24 -19.06 -15.89
N TYR A 7 23.25 -18.59 -15.13
CA TYR A 7 21.88 -18.43 -15.60
C TYR A 7 21.68 -17.07 -16.25
N PRO A 8 20.66 -16.93 -17.09
CA PRO A 8 20.37 -15.62 -17.70
C PRO A 8 19.94 -14.61 -16.64
N ILE A 9 20.36 -13.36 -16.84
CA ILE A 9 20.15 -12.29 -15.87
C ILE A 9 19.36 -11.16 -16.53
N ILE A 10 18.33 -10.68 -15.85
CA ILE A 10 17.58 -9.51 -16.27
C ILE A 10 17.72 -8.44 -15.20
N ASN A 11 17.97 -7.21 -15.63
CA ASN A 11 18.18 -6.10 -14.72
C ASN A 11 17.00 -5.14 -14.75
N PHE A 12 16.81 -4.44 -13.64
CA PHE A 12 15.79 -3.39 -13.55
C PHE A 12 15.99 -2.57 -12.30
N THR A 13 16.00 -1.26 -12.43
CA THR A 13 16.10 -0.35 -11.30
C THR A 13 14.78 0.37 -11.09
N THR A 14 14.44 0.60 -9.84
CA THR A 14 13.23 1.34 -9.52
C THR A 14 13.44 2.84 -9.48
N ALA A 15 14.69 3.30 -9.33
CA ALA A 15 14.94 4.71 -9.01
C ALA A 15 14.44 5.62 -10.12
N GLY A 16 14.78 5.31 -11.35
CA GLY A 16 14.34 6.10 -12.49
C GLY A 16 13.33 5.32 -13.30
N ALA A 17 12.75 4.30 -12.70
CA ALA A 17 11.84 3.40 -13.40
C ALA A 17 10.63 4.18 -13.93
N THR A 18 10.30 3.92 -15.17
CA THR A 18 9.15 4.51 -15.84
C THR A 18 8.25 3.39 -16.36
N VAL A 19 7.15 3.77 -17.01
CA VAL A 19 6.28 2.76 -17.60
C VAL A 19 7.02 1.99 -18.68
N GLN A 20 7.87 2.68 -19.43
CA GLN A 20 8.66 2.01 -20.46
C GLN A 20 9.67 1.06 -19.85
N SER A 21 10.35 1.49 -18.79
CA SER A 21 11.34 0.63 -18.13
C SER A 21 10.70 -0.62 -17.56
N TYR A 22 9.62 -0.45 -16.80
CA TYR A 22 8.92 -1.60 -16.23
C TYR A 22 8.39 -2.52 -17.32
N THR A 23 7.84 -1.95 -18.39
CA THR A 23 7.33 -2.76 -19.48
C THR A 23 8.47 -3.54 -20.13
N ASN A 24 9.55 -2.84 -20.50
CA ASN A 24 10.74 -3.51 -21.02
C ASN A 24 11.19 -4.62 -20.09
N PHE A 25 11.14 -4.37 -18.78
CA PHE A 25 11.56 -5.38 -17.80
C PHE A 25 10.69 -6.63 -17.91
N ILE A 26 9.36 -6.46 -17.76
CA ILE A 26 8.48 -7.63 -17.76
C ILE A 26 8.45 -8.30 -19.13
N ARG A 27 8.54 -7.52 -20.21
CA ARG A 27 8.55 -8.13 -21.54
C ARG A 27 9.82 -8.96 -21.74
N ALA A 28 10.93 -8.55 -21.12
CA ALA A 28 12.17 -9.32 -21.21
C ALA A 28 12.13 -10.56 -20.34
N VAL A 29 11.61 -10.44 -19.11
CA VAL A 29 11.44 -11.60 -18.24
C VAL A 29 10.64 -12.68 -18.93
N ARG A 30 9.48 -12.31 -19.49
CA ARG A 30 8.65 -13.25 -20.25
C ARG A 30 9.47 -13.93 -21.34
N GLY A 31 10.26 -13.16 -22.08
CA GLY A 31 11.03 -13.72 -23.18
C GLY A 31 12.08 -14.71 -22.73
N ARG A 32 12.55 -14.60 -21.49
CA ARG A 32 13.50 -15.58 -20.96
C ARG A 32 12.80 -16.84 -20.45
N LEU A 33 11.57 -16.69 -19.95
CA LEU A 33 10.86 -17.82 -19.33
C LEU A 33 10.45 -18.89 -20.33
N THR A 34 10.25 -18.52 -21.60
CA THR A 34 9.79 -19.50 -22.59
C THR A 34 10.49 -19.26 -23.91
N THR A 35 10.55 -20.32 -24.72
CA THR A 35 11.38 -20.29 -25.93
C THR A 35 10.91 -19.20 -26.90
N GLY A 36 9.63 -19.18 -27.29
CA GLY A 36 8.55 -20.13 -27.01
C GLY A 36 7.52 -19.83 -28.09
N ALA A 37 7.32 -20.63 -29.16
CA ALA A 37 7.86 -21.96 -29.52
C ALA A 37 7.19 -23.08 -28.75
N ASP A 38 6.33 -22.74 -27.80
CA ASP A 38 5.21 -23.60 -27.41
C ASP A 38 4.02 -22.68 -27.16
N VAL A 39 3.12 -22.59 -28.13
CA VAL A 39 1.98 -21.68 -28.07
C VAL A 39 0.70 -22.46 -28.38
N ARG A 40 -0.30 -22.29 -27.54
CA ARG A 40 -1.60 -22.96 -27.69
C ARG A 40 -2.69 -21.93 -27.47
N HIS A 41 -3.58 -21.79 -28.45
CA HIS A 41 -4.61 -20.75 -28.44
C HIS A 41 -3.99 -19.37 -28.21
N GLU A 42 -2.83 -19.15 -28.80
CA GLU A 42 -2.08 -17.88 -28.86
C GLU A 42 -1.34 -17.55 -27.56
N ILE A 43 -1.46 -18.36 -26.52
CA ILE A 43 -0.81 -18.09 -25.24
C ILE A 43 0.46 -19.01 -25.13
N PRO A 44 1.61 -18.41 -24.84
CA PRO A 44 2.82 -19.26 -24.71
C PRO A 44 2.79 -20.12 -23.46
N VAL A 45 3.21 -21.37 -23.61
CA VAL A 45 3.29 -22.34 -22.51
C VAL A 45 4.72 -22.36 -21.98
N LEU A 46 4.86 -22.49 -20.66
CA LEU A 46 6.16 -22.64 -20.06
C LEU A 46 6.70 -24.05 -20.29
N PRO A 47 8.02 -24.21 -20.37
CA PRO A 47 8.59 -25.54 -20.61
C PRO A 47 8.17 -26.56 -19.55
N ASN A 48 8.12 -27.81 -19.98
CA ASN A 48 7.73 -28.90 -19.09
C ASN A 48 8.78 -29.13 -18.01
N ARG A 49 8.31 -29.34 -16.78
CA ARG A 49 9.23 -29.50 -15.65
C ARG A 49 9.97 -30.84 -15.75
N VAL A 50 9.26 -31.91 -16.10
CA VAL A 50 9.85 -33.25 -16.09
C VAL A 50 10.91 -33.31 -17.18
N GLY A 51 12.17 -33.44 -16.77
CA GLY A 51 13.28 -33.57 -17.68
C GLY A 51 13.92 -32.26 -18.10
N LEU A 52 13.55 -31.14 -17.50
CA LEU A 52 14.18 -29.87 -17.81
C LEU A 52 15.62 -29.90 -17.32
N PRO A 53 16.63 -29.82 -18.20
CA PRO A 53 18.01 -29.82 -17.73
C PRO A 53 18.27 -28.61 -16.84
N ILE A 54 19.01 -28.83 -15.76
CA ILE A 54 19.17 -27.84 -14.70
C ILE A 54 19.84 -26.56 -15.20
N ASN A 55 20.63 -26.64 -16.27
CA ASN A 55 21.22 -25.44 -16.83
C ASN A 55 20.20 -24.53 -17.49
N GLN A 56 18.95 -24.97 -17.64
CA GLN A 56 17.89 -24.18 -18.25
C GLN A 56 16.73 -23.94 -17.30
N ARG A 57 16.91 -24.19 -16.01
CA ARG A 57 15.81 -24.31 -15.05
C ARG A 57 15.45 -22.99 -14.37
N PHE A 58 16.31 -21.98 -14.42
CA PHE A 58 16.06 -20.75 -13.67
C PHE A 58 16.42 -19.53 -14.51
N ILE A 59 16.02 -18.37 -13.97
CA ILE A 59 16.39 -17.06 -14.50
C ILE A 59 16.65 -16.15 -13.30
N LEU A 60 17.46 -15.13 -13.50
CA LEU A 60 17.90 -14.26 -12.42
C LEU A 60 17.40 -12.85 -12.68
N VAL A 61 16.89 -12.22 -11.62
CA VAL A 61 16.30 -10.89 -11.68
C VAL A 61 16.97 -10.04 -10.60
N GLU A 62 17.77 -9.07 -11.02
CA GLU A 62 18.52 -8.24 -10.10
C GLU A 62 17.84 -6.88 -9.96
N LEU A 63 17.53 -6.50 -8.73
CA LEU A 63 16.72 -5.33 -8.41
C LEU A 63 17.58 -4.32 -7.65
N SER A 64 17.56 -3.07 -8.11
CA SER A 64 18.33 -2.01 -7.48
C SER A 64 17.40 -1.01 -6.78
N ASN A 65 17.88 -0.47 -5.67
CA ASN A 65 17.09 0.33 -4.75
C ASN A 65 17.33 1.81 -5.04
N HIS A 66 16.70 2.67 -4.23
CA HIS A 66 17.01 4.10 -4.30
C HIS A 66 18.45 4.34 -3.84
N ALA A 67 18.88 3.65 -2.79
CA ALA A 67 20.29 3.42 -2.54
C ALA A 67 20.82 2.34 -3.49
N GLU A 68 22.14 2.33 -3.67
CA GLU A 68 22.72 1.40 -4.64
C GLU A 68 22.50 -0.06 -4.25
N LEU A 69 22.03 -0.34 -3.03
CA LEU A 69 21.95 -1.73 -2.59
C LEU A 69 21.04 -2.52 -3.53
N SER A 70 21.35 -3.80 -3.68
CA SER A 70 20.74 -4.62 -4.72
C SER A 70 20.49 -6.03 -4.20
N VAL A 71 19.57 -6.72 -4.88
CA VAL A 71 19.18 -8.08 -4.57
C VAL A 71 18.93 -8.81 -5.90
N THR A 72 19.32 -10.08 -5.97
CA THR A 72 19.16 -10.89 -7.17
C THR A 72 18.21 -12.03 -6.87
N LEU A 73 17.11 -12.09 -7.62
CA LEU A 73 16.05 -13.07 -7.40
C LEU A 73 16.15 -14.20 -8.41
N ALA A 74 15.78 -15.39 -7.97
CA ALA A 74 15.79 -16.58 -8.81
C ALA A 74 14.37 -17.03 -9.07
N LEU A 75 14.02 -17.19 -10.34
CA LEU A 75 12.66 -17.55 -10.76
C LEU A 75 12.69 -18.92 -11.42
N ASP A 76 11.79 -19.79 -11.01
CA ASP A 76 11.67 -21.12 -11.59
C ASP A 76 11.01 -20.99 -12.96
N VAL A 77 11.69 -21.49 -13.99
CA VAL A 77 11.24 -21.29 -15.36
C VAL A 77 9.92 -22.04 -15.62
N THR A 78 9.70 -23.17 -14.93
CA THR A 78 8.53 -23.97 -15.20
C THR A 78 7.23 -23.35 -14.70
N ASN A 79 7.29 -22.33 -13.84
CA ASN A 79 6.05 -21.67 -13.43
C ASN A 79 6.23 -20.18 -13.19
N ALA A 80 7.37 -19.60 -13.58
CA ALA A 80 7.70 -18.18 -13.43
C ALA A 80 7.71 -17.71 -11.99
N TYR A 81 7.60 -18.62 -11.03
CA TYR A 81 7.52 -18.24 -9.64
C TYR A 81 8.92 -18.04 -9.04
N VAL A 82 8.98 -17.22 -8.01
CA VAL A 82 10.23 -16.96 -7.31
C VAL A 82 10.53 -18.10 -6.36
N VAL A 83 11.74 -18.63 -6.43
CA VAL A 83 12.16 -19.75 -5.58
C VAL A 83 13.13 -19.32 -4.50
N GLY A 84 13.66 -18.10 -4.56
CA GLY A 84 14.64 -17.65 -3.61
C GLY A 84 15.39 -16.46 -4.16
N TYR A 85 16.34 -15.97 -3.37
CA TYR A 85 17.08 -14.78 -3.74
C TYR A 85 18.45 -14.80 -3.09
N ARG A 86 19.27 -13.82 -3.47
CA ARG A 86 20.62 -13.66 -2.98
C ARG A 86 20.84 -12.19 -2.63
N ALA A 87 20.86 -11.86 -1.35
CA ALA A 87 21.61 -10.68 -0.96
C ALA A 87 23.09 -10.99 -1.14
N GLY A 88 23.92 -9.95 -1.22
CA GLY A 88 25.25 -10.14 -1.80
C GLY A 88 26.02 -11.26 -1.13
N ASN A 89 25.90 -11.38 0.19
CA ASN A 89 26.68 -12.31 0.97
C ASN A 89 25.93 -13.59 1.36
N SER A 90 24.65 -13.73 1.01
CA SER A 90 23.88 -14.88 1.46
C SER A 90 22.79 -15.22 0.45
N ALA A 91 22.24 -16.42 0.57
CA ALA A 91 21.25 -16.92 -0.37
C ALA A 91 20.17 -17.65 0.40
N TYR A 92 18.91 -17.30 0.12
CA TYR A 92 17.77 -17.82 0.85
C TYR A 92 16.79 -18.46 -0.12
N PHE A 93 16.19 -19.57 0.31
CA PHE A 93 15.37 -20.40 -0.57
C PHE A 93 14.14 -20.88 0.19
N PHE A 94 12.97 -20.77 -0.44
CA PHE A 94 11.77 -21.36 0.14
C PHE A 94 11.91 -22.88 0.19
N HIS A 95 11.19 -23.48 1.14
CA HIS A 95 11.26 -24.93 1.32
C HIS A 95 10.66 -25.66 0.12
N PRO A 96 11.44 -26.42 -0.63
CA PRO A 96 10.88 -27.15 -1.78
C PRO A 96 9.94 -28.26 -1.31
N ASP A 97 9.10 -28.72 -2.25
CA ASP A 97 8.08 -29.72 -1.95
C ASP A 97 8.45 -31.11 -2.42
N ASN A 98 9.55 -31.26 -3.14
CA ASN A 98 10.03 -32.59 -3.52
C ASN A 98 11.55 -32.52 -3.69
N GLN A 99 12.14 -33.71 -3.83
CA GLN A 99 13.59 -33.84 -3.87
C GLN A 99 14.17 -33.19 -5.12
N GLU A 100 13.60 -33.51 -6.28
CA GLU A 100 14.10 -32.99 -7.55
C GLU A 100 14.17 -31.46 -7.52
N ASP A 101 13.14 -30.83 -6.95
CA ASP A 101 13.19 -29.38 -6.74
C ASP A 101 14.34 -29.01 -5.81
N ALA A 102 14.46 -29.70 -4.67
CA ALA A 102 15.53 -29.39 -3.72
C ALA A 102 16.89 -29.50 -4.38
N GLU A 103 17.13 -30.59 -5.12
CA GLU A 103 18.37 -30.72 -5.87
C GLU A 103 18.60 -29.53 -6.79
N ALA A 104 17.55 -29.12 -7.51
CA ALA A 104 17.70 -28.08 -8.53
C ALA A 104 18.25 -26.77 -7.94
N ILE A 105 17.71 -26.34 -6.80
CA ILE A 105 18.15 -25.07 -6.21
C ILE A 105 19.61 -25.12 -5.77
N THR A 106 20.14 -26.30 -5.47
CA THR A 106 21.54 -26.37 -5.09
C THR A 106 22.48 -25.98 -6.23
N HIS A 107 21.94 -25.74 -7.43
CA HIS A 107 22.71 -25.18 -8.53
C HIS A 107 22.59 -23.67 -8.60
N LEU A 108 21.93 -23.05 -7.62
CA LEU A 108 21.67 -21.62 -7.61
C LEU A 108 22.60 -20.93 -6.61
N PHE A 109 23.18 -19.81 -7.03
CA PHE A 109 24.04 -18.99 -6.16
C PHE A 109 25.13 -19.84 -5.50
N THR A 110 25.81 -20.63 -6.33
CA THR A 110 26.72 -21.64 -5.80
C THR A 110 27.96 -21.02 -5.15
N ASP A 111 28.37 -19.84 -5.60
CA ASP A 111 29.58 -19.23 -5.07
C ASP A 111 29.31 -18.43 -3.80
N VAL A 112 28.09 -18.46 -3.27
CA VAL A 112 27.81 -17.69 -2.08
C VAL A 112 28.39 -18.41 -0.87
N GLN A 113 28.64 -17.63 0.18
CA GLN A 113 29.23 -18.12 1.42
C GLN A 113 28.17 -18.67 2.37
N ASN A 114 27.09 -17.93 2.59
CA ASN A 114 26.02 -18.37 3.47
C ASN A 114 24.85 -18.90 2.64
N ARG A 115 24.19 -19.93 3.14
CA ARG A 115 23.23 -20.69 2.34
C ARG A 115 22.13 -21.19 3.27
N TYR A 116 20.93 -20.62 3.12
CA TYR A 116 19.81 -20.92 3.99
C TYR A 116 18.64 -21.46 3.18
N THR A 117 17.81 -22.25 3.84
CA THR A 117 16.56 -22.74 3.27
C THR A 117 15.48 -22.56 4.32
N PHE A 118 14.46 -21.76 3.99
CA PHE A 118 13.44 -21.44 4.97
C PHE A 118 12.62 -22.68 5.33
N ALA A 119 12.10 -22.67 6.54
CA ALA A 119 11.20 -23.73 7.00
C ALA A 119 9.77 -23.48 6.54
N PHE A 120 9.61 -22.98 5.32
CA PHE A 120 8.29 -22.71 4.76
C PHE A 120 8.44 -22.51 3.26
N GLY A 121 7.29 -22.60 2.56
CA GLY A 121 7.25 -22.43 1.13
C GLY A 121 6.84 -21.03 0.72
N GLY A 122 6.80 -20.84 -0.60
CA GLY A 122 6.46 -19.56 -1.20
C GLY A 122 4.99 -19.32 -1.42
N ASN A 123 4.12 -20.26 -1.06
CA ASN A 123 2.70 -20.11 -1.29
C ASN A 123 2.14 -18.93 -0.50
N TYR A 124 1.12 -18.29 -1.08
CA TYR A 124 0.62 -17.02 -0.55
C TYR A 124 0.09 -17.15 0.86
N ASP A 125 -0.47 -18.31 1.21
CA ASP A 125 -1.08 -18.47 2.54
C ASP A 125 -0.07 -18.26 3.65
N ARG A 126 1.02 -19.03 3.62
CA ARG A 126 2.05 -18.88 4.66
C ARG A 126 2.65 -17.48 4.62
N LEU A 127 2.96 -16.97 3.42
CA LEU A 127 3.49 -15.61 3.31
C LEU A 127 2.53 -14.60 3.93
N GLU A 128 1.22 -14.83 3.80
CA GLU A 128 0.25 -13.91 4.38
C GLU A 128 0.25 -14.00 5.90
N GLN A 129 0.24 -15.22 6.43
CA GLN A 129 0.30 -15.37 7.89
C GLN A 129 1.62 -14.88 8.45
N LEU A 130 2.72 -15.00 7.70
CA LEU A 130 4.00 -14.48 8.16
C LEU A 130 4.02 -12.97 8.13
N ALA A 131 3.42 -12.36 7.11
CA ALA A 131 3.37 -10.91 7.00
C ALA A 131 2.32 -10.30 7.91
N GLY A 132 1.39 -11.09 8.43
CA GLY A 132 0.31 -10.56 9.25
C GLY A 132 -0.82 -9.93 8.49
N ASN A 133 -0.77 -9.98 7.15
CA ASN A 133 -1.76 -9.30 6.32
C ASN A 133 -1.94 -10.09 5.02
N LEU A 134 -3.16 -10.04 4.49
CA LEU A 134 -3.44 -10.58 3.17
C LEU A 134 -2.89 -9.62 2.12
N ARG A 135 -2.56 -10.16 0.95
CA ARG A 135 -2.14 -9.30 -0.16
C ARG A 135 -3.20 -8.26 -0.48
N GLU A 136 -4.47 -8.59 -0.21
CA GLU A 136 -5.54 -7.62 -0.19
C GLU A 136 -5.17 -6.36 0.60
N ASN A 137 -4.37 -6.51 1.66
CA ASN A 137 -4.03 -5.41 2.55
C ASN A 137 -2.57 -4.99 2.45
N ILE A 138 -1.88 -5.38 1.39
CA ILE A 138 -0.45 -5.09 1.22
C ILE A 138 -0.30 -4.28 -0.06
N GLU A 139 0.07 -3.01 0.08
CA GLU A 139 0.17 -2.11 -1.06
C GLU A 139 1.25 -2.57 -2.03
N LEU A 140 1.05 -2.24 -3.31
CA LEU A 140 2.00 -2.55 -4.37
C LEU A 140 2.28 -1.28 -5.15
N GLY A 141 3.30 -1.34 -6.01
CA GLY A 141 3.71 -0.20 -6.79
C GLY A 141 5.20 0.03 -6.67
N ASN A 142 5.63 1.23 -7.08
CA ASN A 142 7.05 1.55 -7.09
C ASN A 142 7.58 1.68 -5.67
N GLY A 143 6.95 2.54 -4.87
CA GLY A 143 7.28 2.69 -3.47
C GLY A 143 7.41 1.37 -2.73
N PRO A 144 6.35 0.56 -2.74
CA PRO A 144 6.43 -0.75 -2.06
C PRO A 144 7.57 -1.63 -2.57
N LEU A 145 7.83 -1.62 -3.88
CA LEU A 145 8.90 -2.46 -4.41
C LEU A 145 10.25 -1.97 -3.94
N GLU A 146 10.54 -0.69 -4.15
CA GLU A 146 11.72 -0.05 -3.55
C GLU A 146 11.86 -0.40 -2.08
N GLU A 147 10.82 -0.14 -1.30
CA GLU A 147 10.83 -0.46 0.13
C GLU A 147 11.07 -1.95 0.35
N ALA A 148 10.45 -2.79 -0.47
CA ALA A 148 10.62 -4.23 -0.32
C ALA A 148 12.07 -4.64 -0.54
N ILE A 149 12.66 -4.23 -1.66
CA ILE A 149 14.01 -4.69 -2.02
C ILE A 149 15.08 -4.18 -1.07
N SER A 150 14.74 -3.29 -0.14
CA SER A 150 15.68 -2.93 0.92
C SER A 150 15.63 -3.95 2.05
N ALA A 151 14.43 -4.21 2.59
CA ALA A 151 14.29 -5.19 3.66
C ALA A 151 14.80 -6.57 3.25
N LEU A 152 14.87 -6.85 1.95
CA LEU A 152 15.45 -8.11 1.48
C LEU A 152 16.96 -8.12 1.58
N TYR A 153 17.60 -6.95 1.54
CA TYR A 153 19.05 -6.89 1.75
C TYR A 153 19.39 -6.99 3.23
N TYR A 154 18.80 -6.13 4.06
CA TYR A 154 19.15 -6.08 5.47
C TYR A 154 18.66 -7.29 6.26
N TYR A 155 18.00 -8.25 5.61
CA TYR A 155 17.62 -9.46 6.33
C TYR A 155 18.84 -10.30 6.68
N SER A 156 19.80 -10.40 5.76
CA SER A 156 21.02 -11.14 6.04
C SER A 156 21.85 -10.48 7.12
N THR A 157 21.58 -9.22 7.44
CA THR A 157 22.25 -8.50 8.52
C THR A 157 21.33 -8.21 9.70
N GLY A 158 20.10 -8.72 9.69
CA GLY A 158 19.14 -8.42 10.74
C GLY A 158 18.50 -7.06 10.58
N THR A 160 15.28 -6.17 10.47
CA THR A 160 14.10 -6.52 9.69
C THR A 160 13.71 -7.98 9.91
N GLN A 161 12.79 -8.22 10.82
CA GLN A 161 12.30 -9.58 11.09
C GLN A 161 11.43 -10.09 9.93
N LEU A 162 11.02 -11.36 10.07
CA LEU A 162 10.17 -12.12 9.15
C LEU A 162 8.97 -11.32 8.64
N PRO A 163 8.03 -10.87 9.51
CA PRO A 163 6.84 -10.17 9.02
C PRO A 163 7.10 -9.14 7.94
N THR A 164 8.04 -8.23 8.21
CA THR A 164 8.39 -7.24 7.21
C THR A 164 9.04 -7.88 5.99
N LEU A 165 9.83 -8.93 6.19
CA LEU A 165 10.40 -9.67 5.07
C LEU A 165 9.32 -10.31 4.22
N ALA A 166 8.37 -10.99 4.86
CA ALA A 166 7.31 -11.67 4.12
C ALA A 166 6.54 -10.71 3.23
N ARG A 167 6.17 -9.54 3.78
CA ARG A 167 5.51 -8.51 2.99
C ARG A 167 6.31 -8.15 1.74
N SER A 168 7.64 -8.20 1.82
CA SER A 168 8.46 -7.83 0.68
C SER A 168 8.40 -8.88 -0.42
N PHE A 169 8.44 -10.15 -0.05
CA PHE A 169 8.20 -11.22 -1.02
C PHE A 169 6.85 -11.04 -1.71
N ILE A 170 5.80 -10.87 -0.90
CA ILE A 170 4.45 -10.68 -1.43
C ILE A 170 4.44 -9.58 -2.49
N ILE A 171 5.09 -8.45 -2.18
CA ILE A 171 5.21 -7.36 -3.15
C ILE A 171 5.92 -7.84 -4.40
N CYS A 172 7.11 -8.42 -4.23
CA CYS A 172 7.96 -8.76 -5.38
C CYS A 172 7.30 -9.81 -6.26
N ILE A 173 6.74 -10.87 -5.64
CA ILE A 173 6.18 -11.97 -6.42
C ILE A 173 5.05 -11.46 -7.32
N GLN A 174 4.18 -10.62 -6.79
CA GLN A 174 3.08 -10.10 -7.60
C GLN A 174 3.60 -9.20 -8.71
N MET A 175 4.49 -8.27 -8.37
CA MET A 175 4.99 -7.32 -9.36
C MET A 175 5.92 -7.95 -10.39
N ILE A 176 6.38 -9.18 -10.18
CA ILE A 176 7.31 -9.81 -11.12
C ILE A 176 6.76 -11.13 -11.61
N SER A 177 6.62 -12.10 -10.70
CA SER A 177 6.10 -13.42 -11.08
C SER A 177 4.73 -13.30 -11.73
N GLU A 178 3.80 -12.61 -11.07
CA GLU A 178 2.44 -12.51 -11.59
C GLU A 178 2.34 -11.56 -12.77
N ALA A 179 3.11 -10.47 -12.74
CA ALA A 179 3.11 -9.55 -13.87
C ALA A 179 3.51 -10.25 -15.17
N ALA A 180 4.51 -11.13 -15.09
CA ALA A 180 4.87 -11.92 -16.26
C ALA A 180 3.74 -12.85 -16.67
N ARG A 181 3.06 -13.46 -15.68
CA ARG A 181 1.99 -14.41 -15.98
C ARG A 181 0.80 -13.72 -16.62
N PHE A 182 0.52 -12.47 -16.25
CA PHE A 182 -0.69 -11.77 -16.66
C PHE A 182 -0.33 -10.38 -17.14
N GLN A 183 -0.62 -10.08 -18.42
CA GLN A 183 -0.51 -8.70 -18.84
C GLN A 183 -1.55 -7.83 -18.17
N TYR A 184 -2.63 -8.43 -17.69
CA TYR A 184 -3.59 -7.69 -16.87
C TYR A 184 -2.93 -7.21 -15.59
N ILE A 185 -2.21 -8.10 -14.90
CA ILE A 185 -1.49 -7.69 -13.69
C ILE A 185 -0.35 -6.77 -14.05
N GLU A 186 0.38 -7.07 -15.14
CA GLU A 186 1.35 -6.12 -15.66
C GLU A 186 0.71 -4.76 -15.90
N GLY A 187 -0.49 -4.75 -16.49
CA GLY A 187 -1.19 -3.51 -16.76
C GLY A 187 -1.40 -2.67 -15.51
N GLU A 188 -1.90 -3.29 -14.44
CA GLU A 188 -2.21 -2.54 -13.23
C GLU A 188 -0.95 -1.95 -12.61
N MET A 189 0.14 -2.71 -12.62
CA MET A 189 1.43 -2.14 -12.18
C MET A 189 1.84 -0.97 -13.06
N ARG A 190 1.69 -1.11 -14.38
CA ARG A 190 2.04 -0.01 -15.28
C ARG A 190 1.23 1.25 -14.96
N THR A 191 -0.02 1.09 -14.55
CA THR A 191 -0.85 2.25 -14.25
C THR A 191 -0.45 2.90 -12.94
N ARG A 192 -0.07 2.10 -11.94
CA ARG A 192 0.36 2.67 -10.66
C ARG A 192 1.62 3.51 -10.82
N ILE A 193 2.44 3.20 -11.83
CA ILE A 193 3.63 3.98 -12.10
C ILE A 193 3.28 5.25 -12.89
N ARG A 194 2.44 5.12 -13.91
CA ARG A 194 2.06 6.27 -14.72
C ARG A 194 1.47 7.38 -13.86
N TYR A 195 0.55 7.03 -12.96
CA TYR A 195 -0.10 8.01 -12.11
C TYR A 195 0.53 8.09 -10.71
N ASN A 196 1.66 7.41 -10.50
CA ASN A 196 2.46 7.51 -9.28
C ASN A 196 1.60 7.35 -8.03
N ARG A 197 1.14 6.11 -7.83
CA ARG A 197 0.32 5.77 -6.67
C ARG A 197 0.75 4.42 -6.12
N ARG A 198 0.53 4.23 -4.83
CA ARG A 198 0.74 2.95 -4.17
C ARG A 198 -0.59 2.49 -3.60
N SER A 199 -1.02 1.28 -3.97
CA SER A 199 -2.31 0.79 -3.56
C SER A 199 -2.34 -0.73 -3.69
N ALA A 200 -3.04 -1.38 -2.76
CA ALA A 200 -3.16 -2.83 -2.75
C ALA A 200 -3.92 -3.32 -3.99
N PRO A 201 -3.82 -4.61 -4.30
CA PRO A 201 -4.54 -5.14 -5.45
C PRO A 201 -6.01 -5.42 -5.16
N ASP A 202 -6.81 -5.31 -6.20
CA ASP A 202 -8.25 -5.50 -6.13
C ASP A 202 -8.59 -6.96 -6.41
N PRO A 203 -9.85 -7.36 -6.21
CA PRO A 203 -10.19 -8.80 -6.33
C PRO A 203 -9.87 -9.40 -7.69
N SER A 204 -9.81 -8.60 -8.75
CA SER A 204 -9.48 -9.18 -10.05
C SER A 204 -8.04 -9.68 -10.08
N VAL A 205 -7.13 -8.93 -9.46
CA VAL A 205 -5.73 -9.35 -9.41
C VAL A 205 -5.59 -10.58 -8.53
N ILE A 206 -6.18 -10.54 -7.34
CA ILE A 206 -6.05 -11.65 -6.40
C ILE A 206 -6.65 -12.92 -7.00
N THR A 207 -7.86 -12.82 -7.54
CA THR A 207 -8.51 -14.00 -8.11
C THR A 207 -7.73 -14.53 -9.31
N LEU A 208 -7.14 -13.64 -10.10
CA LEU A 208 -6.32 -14.07 -11.23
C LEU A 208 -5.12 -14.87 -10.75
N GLU A 209 -4.44 -14.37 -9.72
CA GLU A 209 -3.33 -15.10 -9.13
C GLU A 209 -3.77 -16.48 -8.66
N ASN A 210 -4.88 -16.55 -7.94
CA ASN A 210 -5.34 -17.83 -7.39
C ASN A 210 -5.69 -18.85 -8.46
N SER A 211 -5.97 -18.42 -9.67
CA SER A 211 -6.53 -19.30 -10.69
C SER A 211 -5.56 -19.58 -11.83
N TRP A 212 -4.35 -19.01 -11.81
CA TRP A 212 -3.40 -19.19 -12.89
C TRP A 212 -3.13 -20.65 -13.21
N GLY A 213 -3.17 -21.53 -12.21
CA GLY A 213 -3.02 -22.94 -12.47
C GLY A 213 -4.31 -23.59 -12.94
N ARG A 214 -5.43 -23.16 -12.35
CA ARG A 214 -6.74 -23.65 -12.80
C ARG A 214 -6.98 -23.30 -14.25
N LEU A 215 -6.59 -22.08 -14.67
CA LEU A 215 -6.77 -21.68 -16.06
C LEU A 215 -5.84 -22.47 -16.97
N SER A 216 -4.57 -22.57 -16.59
CA SER A 216 -3.60 -23.33 -17.36
C SER A 216 -4.10 -24.74 -17.66
N THR A 217 -4.79 -25.35 -16.69
CA THR A 217 -5.39 -26.66 -16.93
C THR A 217 -6.56 -26.55 -17.89
N ALA A 218 -7.49 -25.65 -17.61
CA ALA A 218 -8.65 -25.43 -18.47
C ALA A 218 -8.24 -25.18 -19.92
N ILE A 219 -7.38 -24.18 -20.14
CA ILE A 219 -7.01 -23.79 -21.50
C ILE A 219 -6.37 -24.95 -22.23
N GLN A 220 -5.45 -25.66 -21.58
CA GLN A 220 -4.74 -26.75 -22.23
C GLN A 220 -5.59 -28.01 -22.34
N GLU A 221 -6.69 -28.10 -21.59
CA GLU A 221 -7.60 -29.23 -21.64
C GLU A 221 -8.95 -28.84 -22.23
N SER A 222 -9.00 -27.74 -22.96
CA SER A 222 -10.22 -27.21 -23.52
C SER A 222 -10.55 -27.88 -24.86
N ASN A 223 -11.83 -27.83 -25.22
CA ASN A 223 -12.27 -28.26 -26.54
C ASN A 223 -12.13 -27.07 -27.48
N GLN A 224 -11.03 -27.02 -28.22
CA GLN A 224 -10.78 -25.96 -29.18
C GLN A 224 -10.92 -24.58 -28.53
N GLY A 225 -10.55 -24.49 -27.25
CA GLY A 225 -10.74 -23.30 -26.46
C GLY A 225 -12.00 -23.27 -25.62
N ALA A 226 -12.85 -24.29 -25.71
CA ALA A 226 -14.05 -24.38 -24.89
C ALA A 226 -13.72 -25.14 -23.61
N PHE A 227 -13.87 -24.48 -22.47
CA PHE A 227 -13.65 -25.14 -21.20
C PHE A 227 -14.68 -26.24 -20.96
N ALA A 228 -14.20 -27.40 -20.49
CA ALA A 228 -15.10 -28.45 -20.04
C ALA A 228 -15.93 -28.05 -18.82
N SER A 229 -15.55 -26.96 -18.16
CA SER A 229 -16.24 -26.48 -16.97
C SER A 229 -15.78 -25.04 -16.73
N PRO A 230 -16.64 -24.19 -16.20
CA PRO A 230 -16.30 -22.77 -16.14
C PRO A 230 -15.37 -22.47 -14.97
N ILE A 231 -14.59 -21.41 -15.16
CA ILE A 231 -13.68 -20.93 -14.12
C ILE A 231 -14.21 -19.62 -13.58
N GLN A 232 -14.36 -19.56 -12.26
CA GLN A 232 -14.90 -18.40 -11.58
C GLN A 232 -13.82 -17.35 -11.33
N LEU A 233 -14.09 -16.11 -11.72
CA LEU A 233 -13.21 -14.99 -11.44
C LEU A 233 -14.00 -13.85 -10.80
N GLN A 234 -13.32 -12.73 -10.55
CA GLN A 234 -13.93 -11.57 -9.92
C GLN A 234 -13.45 -10.31 -10.62
N ARG A 235 -14.36 -9.36 -10.78
CA ARG A 235 -14.02 -8.08 -11.38
C ARG A 235 -13.39 -7.15 -10.35
N ARG A 236 -12.94 -5.98 -10.82
CA ARG A 236 -12.31 -5.00 -9.96
C ARG A 236 -13.24 -4.54 -8.83
N ASN A 237 -14.55 -4.72 -9.00
CA ASN A 237 -15.52 -4.38 -7.97
C ASN A 237 -15.95 -5.61 -7.16
N GLY A 238 -15.23 -6.72 -7.32
CA GLY A 238 -15.54 -7.92 -6.59
C GLY A 238 -16.71 -8.69 -7.16
N SER A 239 -17.27 -8.24 -8.28
CA SER A 239 -18.40 -8.95 -8.87
C SER A 239 -17.91 -10.23 -9.53
N LYS A 240 -18.51 -11.36 -9.18
CA LYS A 240 -18.14 -12.65 -9.74
C LYS A 240 -18.63 -12.82 -11.17
N PHE A 241 -17.89 -13.61 -11.94
CA PHE A 241 -18.36 -14.05 -13.25
C PHE A 241 -17.55 -15.25 -13.72
N SER A 242 -18.19 -16.09 -14.53
CA SER A 242 -17.64 -17.37 -14.93
C SER A 242 -17.00 -17.25 -16.32
N VAL A 243 -15.89 -17.95 -16.48
CA VAL A 243 -15.14 -17.97 -17.73
C VAL A 243 -15.37 -19.33 -18.37
N TYR A 244 -15.90 -19.31 -19.60
CA TYR A 244 -16.16 -20.54 -20.32
C TYR A 244 -15.22 -20.78 -21.49
N ASP A 245 -14.40 -19.80 -21.86
CA ASP A 245 -13.66 -19.92 -23.10
C ASP A 245 -12.30 -19.23 -23.01
N VAL A 246 -11.32 -19.79 -23.72
CA VAL A 246 -10.01 -19.17 -23.84
C VAL A 246 -10.10 -17.77 -24.42
N SER A 247 -11.07 -17.54 -25.31
CA SER A 247 -11.11 -16.30 -26.09
C SER A 247 -10.97 -15.04 -25.24
N ILE A 248 -11.52 -15.04 -24.02
CA ILE A 248 -11.50 -13.82 -23.22
C ILE A 248 -10.22 -13.64 -22.42
N LEU A 249 -9.49 -14.72 -22.16
CA LEU A 249 -8.26 -14.62 -21.37
C LEU A 249 -7.06 -14.22 -22.21
N ILE A 250 -7.18 -14.33 -23.53
CA ILE A 250 -6.08 -14.04 -24.44
C ILE A 250 -5.46 -12.68 -24.17
N PRO A 251 -6.21 -11.62 -23.88
CA PRO A 251 -5.57 -10.35 -23.47
C PRO A 251 -5.28 -10.26 -21.98
N ILE A 252 -5.58 -11.29 -21.21
CA ILE A 252 -5.43 -11.26 -19.75
C ILE A 252 -4.19 -12.00 -19.30
N ILE A 253 -4.03 -13.24 -19.74
CA ILE A 253 -2.94 -14.12 -19.30
C ILE A 253 -1.86 -14.16 -20.37
N ALA A 254 -0.60 -14.19 -19.93
CA ALA A 254 0.54 -14.19 -20.84
C ALA A 254 1.33 -15.49 -20.83
N LEU A 255 1.24 -16.28 -19.76
CA LEU A 255 1.99 -17.52 -19.67
C LEU A 255 1.16 -18.58 -18.95
N MET A 256 1.39 -19.84 -19.31
CA MET A 256 0.74 -20.96 -18.66
C MET A 256 1.79 -21.97 -18.19
N VAL A 257 1.49 -22.66 -17.09
CA VAL A 257 2.29 -23.80 -16.67
C VAL A 257 1.92 -25.01 -17.54
N TYR A 258 2.93 -25.65 -18.10
CA TYR A 258 2.76 -26.89 -18.85
C TYR A 258 1.94 -27.89 -18.06
N ARG A 259 0.75 -28.22 -18.58
CA ARG A 259 -0.10 -29.25 -17.99
C ARG A 259 -0.14 -30.55 -18.77
N CYS A 260 0.11 -30.51 -20.08
CA CYS A 260 0.06 -31.72 -20.89
C CYS A 260 0.69 -31.42 -22.25
N ALA A 261 0.91 -32.49 -23.01
CA ALA A 261 1.41 -32.33 -24.37
C ALA A 261 0.33 -31.72 -25.25
N PRO A 262 0.73 -31.00 -26.30
CA PRO A 262 -0.25 -30.38 -27.20
C PRO A 262 -0.76 -31.38 -28.22
N PRO A 263 -2.05 -31.67 -28.22
CA PRO A 263 -2.60 -32.67 -29.16
C PRO A 263 -2.45 -32.19 -30.59
N PRO A 264 -2.63 -33.08 -31.58
CA PRO A 264 -2.58 -32.62 -32.97
C PRO A 264 -3.66 -31.57 -33.21
N SER A 265 -3.36 -30.64 -34.11
CA SER A 265 -4.31 -29.59 -34.41
C SER A 265 -5.46 -30.13 -35.24
N SER A 266 -6.66 -29.65 -34.94
CA SER A 266 -7.89 -30.07 -35.63
C SER A 266 -8.02 -29.25 -36.90
N GLN A 267 -7.47 -29.78 -37.99
CA GLN A 267 -7.50 -29.06 -39.25
C GLN A 267 -8.88 -29.16 -39.90
N PHE A 268 -9.08 -28.33 -40.93
CA PHE A 268 -10.30 -28.30 -41.75
C PHE A 268 -11.47 -27.70 -40.99
N GLN B 3 6.60 -26.29 21.04
CA GLN B 3 6.71 -26.90 22.36
C GLN B 3 7.45 -28.23 22.28
N LEU B 4 8.72 -28.21 22.69
CA LEU B 4 9.60 -29.36 22.60
C LEU B 4 9.59 -30.12 23.91
N ALA B 5 9.29 -31.42 23.84
CA ALA B 5 9.17 -32.28 25.02
C ALA B 5 10.29 -33.30 25.00
N GLU B 6 11.26 -33.13 25.90
CA GLU B 6 12.47 -33.93 25.92
C GLU B 6 12.41 -34.98 27.02
N SER B 7 12.90 -36.18 26.71
CA SER B 7 12.86 -37.28 27.67
C SER B 7 14.01 -38.23 27.41
N GLY B 8 14.39 -38.96 28.45
CA GLY B 8 15.32 -40.07 28.30
C GLY B 8 16.79 -39.74 28.49
N GLY B 9 17.18 -39.28 29.67
CA GLY B 9 18.58 -39.11 29.97
C GLY B 9 19.16 -40.41 30.48
N GLY B 10 19.79 -40.40 31.65
CA GLY B 10 20.09 -41.63 32.34
C GLY B 10 21.50 -41.64 32.89
N LEU B 11 21.89 -42.82 33.37
CA LEU B 11 23.17 -43.05 34.03
C LEU B 11 23.80 -44.30 33.44
N VAL B 12 25.08 -44.23 33.09
CA VAL B 12 25.75 -45.30 32.37
C VAL B 12 27.21 -45.35 32.76
N GLN B 13 27.71 -46.58 32.97
CA GLN B 13 29.13 -46.82 33.11
C GLN B 13 29.85 -46.45 31.81
N ALA B 14 31.01 -45.81 31.94
CA ALA B 14 31.68 -45.24 30.78
C ALA B 14 31.81 -46.27 29.66
N GLY B 15 31.65 -45.80 28.42
CA GLY B 15 31.66 -46.67 27.26
C GLY B 15 30.33 -47.30 26.90
N GLY B 16 29.26 -47.00 27.63
CA GLY B 16 27.95 -47.54 27.35
C GLY B 16 27.14 -46.66 26.40
N SER B 17 25.82 -46.80 26.48
CA SER B 17 24.92 -46.13 25.56
C SER B 17 23.68 -45.63 26.26
N LEU B 18 23.20 -44.46 25.83
CA LEU B 18 21.88 -43.97 26.18
C LEU B 18 21.22 -43.42 24.92
N LYS B 19 20.06 -42.79 25.11
CA LYS B 19 19.28 -42.26 23.99
C LYS B 19 18.31 -41.20 24.51
N LEU B 20 18.32 -40.03 23.86
CA LEU B 20 17.37 -38.97 24.17
C LEU B 20 16.38 -38.82 23.03
N SER B 21 15.16 -38.39 23.38
CA SER B 21 14.10 -38.22 22.41
C SER B 21 13.39 -36.90 22.69
N CYS B 22 12.88 -36.29 21.63
CA CYS B 22 12.15 -35.03 21.70
C CYS B 22 10.91 -35.14 20.82
N ALA B 23 9.73 -34.94 21.40
CA ALA B 23 8.46 -35.06 20.69
C ALA B 23 7.84 -33.68 20.51
N ALA B 24 7.76 -33.21 19.26
CA ALA B 24 7.18 -31.92 18.96
C ALA B 24 5.67 -32.04 18.71
N SER B 25 5.02 -30.89 18.61
CA SER B 25 3.57 -30.80 18.37
C SER B 25 3.34 -29.65 17.39
N GLY B 26 3.21 -29.98 16.10
CA GLY B 26 3.09 -28.97 15.07
C GLY B 26 3.11 -29.59 13.68
N ARG B 27 2.21 -29.15 12.79
CA ARG B 27 2.04 -29.84 11.52
C ARG B 27 3.27 -29.69 10.62
N ASP B 28 3.90 -28.51 10.61
CA ASP B 28 5.04 -28.23 9.75
C ASP B 28 6.35 -28.83 10.27
N PHE B 29 6.28 -29.79 11.18
CA PHE B 29 7.48 -30.36 11.81
C PHE B 29 8.50 -30.84 10.78
N SER B 30 8.04 -31.35 9.64
CA SER B 30 8.94 -31.94 8.65
C SER B 30 9.92 -30.92 8.07
N MET B 31 9.64 -29.61 8.22
CA MET B 31 10.45 -28.57 7.60
C MET B 31 11.46 -27.94 8.56
N TYR B 32 11.73 -28.56 9.70
CA TYR B 32 12.53 -27.92 10.74
C TYR B 32 13.98 -28.38 10.69
N MET B 33 14.89 -27.41 10.80
CA MET B 33 16.26 -27.72 11.19
C MET B 33 16.27 -28.09 12.66
N LEU B 34 16.88 -29.22 12.99
CA LEU B 34 16.82 -29.78 14.33
C LEU B 34 18.23 -30.02 14.84
N ALA B 35 18.44 -29.79 16.14
CA ALA B 35 19.78 -29.89 16.70
C ALA B 35 19.71 -30.22 18.18
N TRP B 36 20.84 -30.73 18.69
CA TRP B 36 21.04 -31.00 20.10
C TRP B 36 22.20 -30.16 20.61
N PHE B 37 22.05 -29.61 21.82
CA PHE B 37 23.10 -28.85 22.47
C PHE B 37 23.27 -29.38 23.88
N ARG B 38 24.51 -29.31 24.39
CA ARG B 38 24.82 -29.76 25.74
C ARG B 38 25.68 -28.71 26.45
N GLN B 39 25.50 -28.61 27.76
CA GLN B 39 26.42 -27.87 28.63
C GLN B 39 26.99 -28.80 29.69
N ALA B 40 28.29 -29.03 29.65
CA ALA B 40 29.01 -29.68 30.73
C ALA B 40 29.44 -28.66 31.76
N PRO B 41 29.21 -28.91 33.05
CA PRO B 41 29.63 -27.95 34.09
C PRO B 41 31.10 -27.63 33.98
N GLY B 42 31.41 -26.33 34.10
CA GLY B 42 32.72 -25.80 33.80
C GLY B 42 32.87 -25.32 32.38
N LYS B 43 32.10 -25.87 31.45
CA LYS B 43 32.06 -25.43 30.07
C LYS B 43 30.78 -24.66 29.81
N GLU B 44 30.79 -23.88 28.74
CA GLU B 44 29.59 -23.20 28.25
C GLU B 44 28.78 -24.16 27.38
N ARG B 45 27.60 -23.70 26.97
CA ARG B 45 26.70 -24.50 26.14
C ARG B 45 27.32 -24.72 24.77
N GLU B 46 27.28 -25.97 24.31
CA GLU B 46 28.11 -26.43 23.21
C GLU B 46 27.23 -27.08 22.15
N PHE B 47 27.45 -26.72 20.90
CA PHE B 47 26.81 -27.42 19.79
C PHE B 47 27.19 -28.90 19.84
N VAL B 48 26.25 -29.75 19.46
CA VAL B 48 26.48 -31.20 19.48
C VAL B 48 26.23 -31.77 18.10
N ALA B 49 24.98 -31.74 17.65
CA ALA B 49 24.62 -32.33 16.37
C ALA B 49 23.44 -31.56 15.77
N ALA B 50 23.25 -31.74 14.47
CA ALA B 50 22.15 -31.11 13.76
C ALA B 50 21.69 -32.01 12.62
N ILE B 51 20.40 -31.91 12.29
CA ILE B 51 19.82 -32.63 11.16
C ILE B 51 18.98 -31.66 10.35
N MET B 52 19.17 -31.68 9.03
CA MET B 52 18.43 -30.82 8.13
C MET B 52 17.08 -31.43 7.80
N CYS B 53 16.09 -30.58 7.56
CA CYS B 53 14.81 -31.05 7.07
C CYS B 53 14.99 -31.81 5.77
N SER B 54 14.04 -32.72 5.50
CA SER B 54 14.14 -33.58 4.34
C SER B 54 14.32 -32.76 3.06
N GLY B 55 13.53 -31.70 2.90
CA GLY B 55 13.62 -30.83 1.75
C GLY B 55 14.82 -29.92 1.73
N GLY B 56 15.65 -29.94 2.77
CA GLY B 56 16.83 -29.09 2.82
C GLY B 56 18.13 -29.86 2.71
N GLY B 57 18.07 -31.03 2.09
CA GLY B 57 19.23 -31.90 2.00
C GLY B 57 19.13 -33.07 2.96
N GLY B 58 18.69 -32.78 4.18
CA GLY B 58 18.58 -33.81 5.20
C GLY B 58 19.89 -34.28 5.79
N GLY B 59 21.00 -33.60 5.49
CA GLY B 59 22.27 -34.03 6.01
C GLY B 59 22.35 -33.89 7.51
N THR B 60 23.10 -34.78 8.15
CA THR B 60 23.32 -34.76 9.58
C THR B 60 24.75 -34.31 9.86
N TYR B 61 24.90 -33.46 10.88
CA TYR B 61 26.20 -32.87 11.20
C TYR B 61 26.47 -33.02 12.68
N TYR B 62 27.73 -33.32 13.01
CA TYR B 62 28.18 -33.55 14.37
C TYR B 62 29.41 -32.71 14.67
N ALA B 63 29.62 -32.43 15.95
CA ALA B 63 30.87 -31.83 16.39
C ALA B 63 31.97 -32.89 16.43
N ASP B 64 33.20 -32.46 16.16
CA ASP B 64 34.32 -33.39 16.03
C ASP B 64 34.48 -34.28 17.27
N SER B 65 34.42 -33.68 18.47
CA SER B 65 34.63 -34.46 19.69
C SER B 65 33.49 -35.44 19.99
N MET B 66 32.33 -35.29 19.35
CA MET B 66 31.22 -36.22 19.52
C MET B 66 30.98 -37.11 18.30
N GLN B 67 31.57 -36.76 17.15
CA GLN B 67 31.29 -37.46 15.91
C GLN B 67 31.62 -38.95 16.02
N GLY B 68 30.79 -39.79 15.40
CA GLY B 68 30.97 -41.23 15.44
C GLY B 68 30.27 -41.85 16.63
N ARG B 69 30.64 -41.37 17.82
CA ARG B 69 30.06 -41.86 19.06
C ARG B 69 28.56 -41.59 19.12
N PHE B 70 28.10 -40.51 18.49
CA PHE B 70 26.72 -40.05 18.61
C PHE B 70 26.04 -40.08 17.24
N THR B 71 24.71 -40.05 17.25
CA THR B 71 23.93 -40.12 16.03
C THR B 71 22.58 -39.45 16.21
N ILE B 72 22.24 -38.53 15.30
CA ILE B 72 21.01 -37.75 15.37
C ILE B 72 20.06 -38.24 14.27
N SER B 73 18.76 -38.23 14.57
CA SER B 73 17.75 -38.70 13.64
C SER B 73 16.41 -38.08 13.99
N ARG B 74 15.51 -38.06 13.01
CA ARG B 74 14.16 -37.56 13.21
C ARG B 74 13.16 -38.59 12.71
N ASP B 75 11.98 -38.58 13.31
CA ASP B 75 10.82 -39.35 12.87
C ASP B 75 9.71 -38.36 12.57
N ASN B 76 9.64 -37.94 11.31
CA ASN B 76 8.65 -36.94 10.90
C ASN B 76 7.23 -37.40 11.18
N ALA B 77 6.96 -38.68 10.95
CA ALA B 77 5.62 -39.21 11.20
C ALA B 77 5.27 -39.12 12.68
N LYS B 78 6.22 -39.42 13.56
CA LYS B 78 6.00 -39.35 15.00
C LYS B 78 6.34 -37.98 15.56
N LYS B 79 6.84 -37.07 14.72
CA LYS B 79 7.27 -35.74 15.15
C LYS B 79 8.28 -35.83 16.30
N THR B 80 9.24 -36.74 16.17
CA THR B 80 10.24 -36.96 17.20
C THR B 80 11.64 -36.81 16.64
N VAL B 81 12.55 -36.38 17.50
CA VAL B 81 13.98 -36.33 17.22
C VAL B 81 14.68 -37.28 18.20
N ALA B 82 15.83 -37.80 17.79
CA ALA B 82 16.56 -38.75 18.63
C ALA B 82 18.03 -38.38 18.66
N LEU B 83 18.69 -38.75 19.75
CA LEU B 83 20.15 -38.67 19.87
C LEU B 83 20.62 -39.96 20.50
N GLN B 84 21.19 -40.85 19.67
CA GLN B 84 21.71 -42.11 20.15
C GLN B 84 23.20 -41.94 20.46
N MET B 85 23.56 -42.11 21.72
CA MET B 85 24.92 -41.89 22.20
C MET B 85 25.57 -43.22 22.51
N ASN B 86 26.74 -43.46 21.92
CA ASN B 86 27.46 -44.71 22.08
C ASN B 86 28.87 -44.44 22.56
N SER B 87 29.47 -45.45 23.20
CA SER B 87 30.79 -45.38 23.79
C SER B 87 31.00 -44.09 24.58
N LEU B 88 30.21 -43.91 25.64
CA LEU B 88 30.16 -42.65 26.36
C LEU B 88 31.40 -42.46 27.23
N LYS B 89 32.16 -41.41 26.94
CA LYS B 89 33.27 -40.97 27.77
C LYS B 89 32.73 -40.15 28.95
N PRO B 90 33.54 -39.94 29.99
CA PRO B 90 33.09 -39.08 31.09
C PRO B 90 33.02 -37.62 30.71
N GLU B 91 33.73 -37.22 29.64
CA GLU B 91 33.57 -35.88 29.08
C GLU B 91 32.11 -35.61 28.70
N ASP B 92 31.40 -36.65 28.28
CA ASP B 92 30.04 -36.53 27.78
C ASP B 92 28.99 -36.33 28.89
N THR B 93 29.41 -36.15 30.14
CA THR B 93 28.46 -35.88 31.22
C THR B 93 28.03 -34.42 31.12
N ALA B 94 26.76 -34.19 30.81
CA ALA B 94 26.26 -32.84 30.59
C ALA B 94 24.74 -32.88 30.61
N VAL B 95 24.16 -31.69 30.64
CA VAL B 95 22.73 -31.51 30.41
C VAL B 95 22.52 -31.25 28.92
N TYR B 96 21.58 -31.99 28.31
CA TYR B 96 21.34 -31.93 26.88
C TYR B 96 20.01 -31.26 26.56
N TYR B 97 19.96 -30.61 25.40
CA TYR B 97 18.78 -29.87 24.98
C TYR B 97 18.46 -30.18 23.53
N CYS B 98 17.16 -30.12 23.20
CA CYS B 98 16.74 -30.09 21.80
C CYS B 98 16.61 -28.65 21.34
N ALA B 99 16.79 -28.45 20.04
CA ALA B 99 16.62 -27.14 19.44
C ALA B 99 15.95 -27.32 18.09
N ALA B 100 14.92 -26.53 17.83
CA ALA B 100 14.21 -26.56 16.56
C ALA B 100 14.19 -25.16 15.97
N SER B 101 14.48 -25.06 14.67
CA SER B 101 14.34 -23.81 13.94
C SER B 101 13.03 -23.84 13.18
N THR B 102 12.09 -22.96 13.58
CA THR B 102 10.85 -22.78 12.84
C THR B 102 11.05 -21.89 11.62
N THR B 103 12.11 -21.09 11.60
CA THR B 103 12.39 -20.21 10.49
C THR B 103 13.15 -20.94 9.38
N TYR B 104 13.92 -21.97 9.74
CA TYR B 104 14.96 -22.50 8.88
C TYR B 104 14.90 -24.01 8.71
N CYS B 105 15.03 -24.45 7.45
CA CYS B 105 15.18 -25.85 7.06
C CYS B 105 16.63 -26.32 7.01
N SER B 106 17.53 -25.49 6.48
CA SER B 106 18.93 -25.83 6.31
C SER B 106 19.73 -24.54 6.30
N ALA B 107 20.94 -24.58 6.85
CA ALA B 107 21.75 -23.38 6.95
C ALA B 107 23.21 -23.77 7.10
N THR B 108 24.08 -23.08 6.37
CA THR B 108 25.51 -23.31 6.55
C THR B 108 25.94 -23.06 7.99
N THR B 109 25.23 -22.18 8.70
CA THR B 109 25.56 -21.78 10.07
C THR B 109 24.72 -22.53 11.10
N TYR B 110 24.48 -23.83 10.89
CA TYR B 110 23.59 -24.59 11.76
C TYR B 110 24.08 -24.61 13.21
N SER B 111 25.40 -24.61 13.42
CA SER B 111 25.95 -24.80 14.75
C SER B 111 25.48 -23.73 15.74
N SER B 112 25.15 -22.54 15.25
CA SER B 112 24.78 -21.44 16.13
C SER B 112 23.42 -21.71 16.77
N ASP B 113 23.40 -21.71 18.10
CA ASP B 113 22.15 -21.76 18.85
C ASP B 113 21.21 -20.61 18.50
N ARG B 114 21.72 -19.56 17.86
CA ARG B 114 20.92 -18.39 17.51
C ARG B 114 19.85 -18.71 16.46
N LEU B 115 20.04 -19.77 15.68
CA LEU B 115 19.11 -20.11 14.61
C LEU B 115 17.88 -20.85 15.10
N TYR B 116 17.85 -21.26 16.37
CA TYR B 116 16.82 -22.16 16.89
C TYR B 116 15.87 -21.41 17.79
N ASP B 117 14.57 -21.61 17.59
CA ASP B 117 13.55 -20.85 18.28
C ASP B 117 13.00 -21.58 19.50
N PHE B 118 12.97 -22.91 19.48
CA PHE B 118 12.33 -23.71 20.52
C PHE B 118 13.33 -24.68 21.12
N TRP B 119 13.18 -24.93 22.43
CA TRP B 119 14.17 -25.65 23.20
C TRP B 119 13.48 -26.57 24.19
N GLY B 120 13.81 -27.86 24.13
CA GLY B 120 13.35 -28.79 25.13
C GLY B 120 14.01 -28.54 26.49
N GLN B 121 13.40 -29.11 27.53
CA GLN B 121 13.95 -28.97 28.87
C GLN B 121 15.20 -29.83 29.01
N GLY B 122 16.22 -29.26 29.62
CA GLY B 122 17.50 -29.95 29.74
C GLY B 122 17.36 -31.27 30.49
N THR B 123 18.00 -32.30 29.96
CA THR B 123 17.96 -33.63 30.55
C THR B 123 19.38 -34.08 30.86
N GLN B 124 19.54 -34.73 32.01
CA GLN B 124 20.86 -35.01 32.57
C GLN B 124 21.40 -36.34 32.06
N VAL B 125 22.63 -36.31 31.55
CA VAL B 125 23.38 -37.52 31.21
C VAL B 125 24.59 -37.60 32.14
N THR B 126 24.76 -38.74 32.79
CA THR B 126 25.84 -38.95 33.74
C THR B 126 26.64 -40.18 33.32
N VAL B 127 27.96 -40.03 33.28
CA VAL B 127 28.87 -41.10 32.89
C VAL B 127 29.82 -41.35 34.04
N SER B 128 29.75 -42.55 34.61
CA SER B 128 30.64 -42.96 35.68
C SER B 128 31.72 -43.90 35.16
N SER B 129 32.78 -44.04 35.94
CA SER B 129 33.80 -45.04 35.66
C SER B 129 34.24 -45.74 36.94
N GLN C 6 -26.93 13.24 14.60
CA GLN C 6 -25.88 13.97 13.91
C GLN C 6 -24.50 13.56 14.45
N TYR C 7 -23.44 14.22 13.98
CA TYR C 7 -22.08 13.92 14.38
C TYR C 7 -21.73 14.66 15.68
N PRO C 8 -20.72 14.20 16.40
CA PRO C 8 -20.34 14.88 17.64
C PRO C 8 -19.81 16.29 17.36
N ILE C 9 -20.17 17.22 18.24
CA ILE C 9 -19.86 18.63 18.09
C ILE C 9 -19.02 19.08 19.28
N ILE C 10 -17.93 19.77 19.00
CA ILE C 10 -17.08 20.38 20.02
C ILE C 10 -17.08 21.88 19.82
N ASN C 11 -17.26 22.61 20.92
CA ASN C 11 -17.37 24.06 20.88
C ASN C 11 -16.11 24.70 21.43
N PHE C 12 -15.84 25.93 20.97
CA PHE C 12 -14.74 26.73 21.49
C PHE C 12 -14.84 28.16 20.97
N THR C 13 -14.76 29.15 21.87
CA THR C 13 -14.76 30.55 21.49
C THR C 13 -13.39 31.15 21.73
N THR C 14 -12.99 32.04 20.83
CA THR C 14 -11.76 32.81 20.94
C THR C 14 -11.91 34.03 21.83
N ALA C 15 -13.14 34.51 22.05
CA ALA C 15 -13.34 35.83 22.63
C ALA C 15 -12.74 35.93 24.04
N GLY C 16 -13.04 34.96 24.90
CA GLY C 16 -12.49 34.94 26.24
C GLY C 16 -11.53 33.81 26.49
N ALA C 17 -11.04 33.20 25.40
CA ALA C 17 -10.26 31.97 25.48
C ALA C 17 -9.00 32.13 26.34
N THR C 18 -8.77 31.11 27.16
CA THR C 18 -7.60 31.03 28.03
C THR C 18 -6.81 29.77 27.69
N VAL C 19 -5.71 29.56 28.41
CA VAL C 19 -4.92 28.35 28.22
C VAL C 19 -5.72 27.12 28.62
N GLN C 20 -6.52 27.22 29.68
CA GLN C 20 -7.37 26.10 30.07
C GLN C 20 -8.46 25.85 29.03
N SER C 21 -9.09 26.91 28.52
CA SER C 21 -10.13 26.73 27.51
C SER C 21 -9.56 26.05 26.27
N TYR C 22 -8.44 26.55 25.77
CA TYR C 22 -7.81 25.94 24.61
C TYR C 22 -7.38 24.51 24.89
N THR C 23 -6.80 24.26 26.06
CA THR C 23 -6.39 22.90 26.41
C THR C 23 -7.60 21.97 26.54
N ASN C 24 -8.61 22.41 27.28
CA ASN C 24 -9.87 21.68 27.33
C ASN C 24 -10.40 21.41 25.92
N PHE C 25 -10.29 22.40 25.05
CA PHE C 25 -10.76 22.24 23.67
C PHE C 25 -10.01 21.10 22.97
N ILE C 26 -8.68 21.19 22.93
CA ILE C 26 -7.90 20.20 22.21
C ILE C 26 -8.06 18.82 22.84
N ARG C 27 -8.22 18.77 24.17
CA ARG C 27 -8.42 17.50 24.84
C ARG C 27 -9.75 16.86 24.44
N ALA C 28 -10.77 17.68 24.16
CA ALA C 28 -12.05 17.13 23.73
C ALA C 28 -11.97 16.66 22.28
N VAL C 29 -11.29 17.43 21.43
CA VAL C 29 -11.05 17.00 20.05
C VAL C 29 -10.38 15.63 20.02
N ARG C 30 -9.29 15.49 20.76
CA ARG C 30 -8.61 14.20 20.89
C ARG C 30 -9.57 13.11 21.36
N GLY C 31 -10.34 13.40 22.40
CA GLY C 31 -11.21 12.36 22.97
C GLY C 31 -12.26 11.88 22.01
N ARG C 32 -12.66 12.72 21.06
CA ARG C 32 -13.62 12.29 20.05
C ARG C 32 -12.96 11.56 18.90
N LEU C 33 -11.70 11.87 18.58
CA LEU C 33 -11.07 11.26 17.42
C LEU C 33 -10.84 9.76 17.61
N THR C 34 -10.59 9.32 18.84
CA THR C 34 -10.50 7.91 19.13
C THR C 34 -11.02 7.69 20.54
N THR C 35 -11.54 6.49 20.80
CA THR C 35 -12.24 6.24 22.06
C THR C 35 -11.32 6.37 23.29
N GLY C 36 -10.12 5.75 23.28
CA GLY C 36 -9.55 4.97 22.20
C GLY C 36 -8.59 3.88 22.64
N ALA C 37 -9.07 2.65 22.53
CA ALA C 37 -8.29 1.46 22.88
C ALA C 37 -7.68 0.84 21.63
N ASP C 38 -6.92 1.66 20.91
CA ASP C 38 -5.87 1.19 20.01
C ASP C 38 -4.68 2.08 20.36
N VAL C 39 -3.80 1.55 21.20
CA VAL C 39 -2.66 2.29 21.72
C VAL C 39 -1.44 1.42 21.52
N ARG C 40 -0.40 1.99 20.93
CA ARG C 40 0.83 1.25 20.64
C ARG C 40 2.01 2.09 21.07
N HIS C 41 2.85 1.54 21.94
CA HIS C 41 3.95 2.28 22.55
C HIS C 41 3.43 3.57 23.19
N GLU C 42 2.26 3.48 23.81
CA GLU C 42 1.58 4.49 24.62
C GLU C 42 0.88 5.59 23.81
N ILE C 43 0.94 5.56 22.49
CA ILE C 43 0.32 6.59 21.66
C ILE C 43 -1.02 6.02 21.11
N PRO C 44 -2.13 6.72 21.31
CA PRO C 44 -3.40 6.22 20.77
C PRO C 44 -3.45 6.35 19.25
N VAL C 45 -3.96 5.30 18.61
CA VAL C 45 -4.08 5.26 17.15
C VAL C 45 -5.48 5.68 16.74
N LEU C 46 -5.58 6.39 15.62
CA LEU C 46 -6.88 6.74 15.06
C LEU C 46 -7.50 5.51 14.39
N PRO C 47 -8.83 5.43 14.37
CA PRO C 47 -9.50 4.26 13.79
C PRO C 47 -9.16 4.03 12.32
N ASN C 48 -9.23 2.77 11.91
CA ASN C 48 -8.97 2.40 10.52
C ASN C 48 -10.08 2.90 9.62
N ARG C 49 -9.69 3.50 8.49
CA ARG C 49 -10.65 4.05 7.53
C ARG C 49 -11.36 2.97 6.73
N VAL C 50 -10.68 1.85 6.46
CA VAL C 50 -11.09 0.91 5.42
C VAL C 50 -12.52 0.39 5.62
N GLY C 51 -13.01 0.36 6.85
CA GLY C 51 -14.36 -0.11 7.08
C GLY C 51 -15.14 0.78 8.03
N LEU C 52 -14.62 1.97 8.28
CA LEU C 52 -15.22 2.89 9.23
C LEU C 52 -16.62 3.29 8.79
N PRO C 53 -17.65 2.95 9.56
CA PRO C 53 -19.02 3.35 9.18
C PRO C 53 -19.16 4.87 9.16
N ILE C 54 -19.91 5.36 8.17
CA ILE C 54 -19.96 6.79 7.90
C ILE C 54 -20.53 7.56 9.08
N ASN C 55 -21.37 6.93 9.90
CA ASN C 55 -21.88 7.60 11.09
C ASN C 55 -20.80 7.83 12.14
N GLN C 56 -19.61 7.27 11.95
CA GLN C 56 -18.51 7.44 12.89
C GLN C 56 -17.31 8.13 12.25
N ARG C 57 -17.47 8.72 11.08
CA ARG C 57 -16.33 9.17 10.28
C ARG C 57 -15.90 10.60 10.60
N PHE C 58 -16.74 11.41 11.24
CA PHE C 58 -16.39 12.81 11.41
C PHE C 58 -16.73 13.29 12.82
N ILE C 59 -16.19 14.47 13.13
CA ILE C 59 -16.54 15.25 14.31
C ILE C 59 -16.53 16.70 13.88
N LEU C 60 -17.28 17.53 14.62
CA LEU C 60 -17.55 18.90 14.22
C LEU C 60 -16.98 19.89 15.23
N VAL C 61 -16.42 20.98 14.73
CA VAL C 61 -15.76 21.99 15.54
C VAL C 61 -16.40 23.34 15.22
N GLU C 62 -17.11 23.91 16.19
CA GLU C 62 -17.81 25.17 16.01
C GLU C 62 -16.98 26.28 16.62
N LEU C 63 -16.63 27.28 15.80
CA LEU C 63 -15.72 28.34 16.21
C LEU C 63 -16.45 29.68 16.16
N SER C 64 -16.38 30.41 17.27
CA SER C 64 -16.98 31.73 17.38
C SER C 64 -15.89 32.78 17.52
N ASN C 65 -16.16 33.95 16.98
CA ASN C 65 -15.18 35.02 16.82
C ASN C 65 -15.29 36.03 17.95
N HIS C 66 -14.45 37.08 17.89
CA HIS C 66 -14.66 38.23 18.76
C HIS C 66 -15.97 38.92 18.41
N ALA C 67 -16.30 38.99 17.12
CA ALA C 67 -17.70 39.15 16.77
C ALA C 67 -18.39 37.82 17.05
N GLU C 68 -19.67 37.90 17.36
CA GLU C 68 -20.37 36.69 17.81
C GLU C 68 -20.55 35.64 16.72
N LEU C 69 -20.19 35.95 15.48
CA LEU C 69 -20.39 35.07 14.34
C LEU C 69 -19.65 33.75 14.51
N SER C 70 -20.12 32.73 13.80
CA SER C 70 -19.69 31.35 14.01
C SER C 70 -19.49 30.62 12.69
N VAL C 71 -18.65 29.58 12.76
CA VAL C 71 -18.31 28.72 11.63
C VAL C 71 -18.12 27.31 12.17
N THR C 72 -18.56 26.31 11.40
CA THR C 72 -18.46 24.91 11.83
C THR C 72 -17.56 24.13 10.88
N LEU C 73 -16.49 23.56 11.42
CA LEU C 73 -15.51 22.81 10.66
C LEU C 73 -15.73 21.31 10.84
N ALA C 74 -15.44 20.55 9.79
CA ALA C 74 -15.61 19.11 9.78
C ALA C 74 -14.23 18.45 9.72
N LEU C 75 -13.98 17.52 10.64
CA LEU C 75 -12.69 16.86 10.78
C LEU C 75 -12.84 15.38 10.48
N ASP C 76 -11.97 14.85 9.63
CA ASP C 76 -11.98 13.42 9.32
C ASP C 76 -11.35 12.67 10.48
N VAL C 77 -12.08 11.72 11.04
CA VAL C 77 -11.64 11.02 12.23
C VAL C 77 -10.40 10.17 11.96
N THR C 78 -10.26 9.67 10.73
CA THR C 78 -9.15 8.78 10.42
C THR C 78 -7.80 9.48 10.34
N ASN C 79 -7.78 10.81 10.25
CA ASN C 79 -6.50 11.50 10.23
C ASN C 79 -6.55 12.86 10.91
N ALA C 80 -7.62 13.19 11.64
CA ALA C 80 -7.77 14.45 12.37
C ALA C 80 -7.71 15.69 11.48
N TYR C 81 -7.70 15.52 10.17
CA TYR C 81 -7.56 16.66 9.27
C TYR C 81 -8.92 17.28 8.96
N VAL C 82 -8.88 18.55 8.59
CA VAL C 82 -10.10 19.28 8.22
C VAL C 82 -10.48 18.90 6.81
N VAL C 83 -11.75 18.55 6.61
CA VAL C 83 -12.25 18.16 5.30
C VAL C 83 -13.14 19.23 4.68
N GLY C 84 -13.55 20.22 5.46
CA GLY C 84 -14.46 21.24 4.98
C GLY C 84 -15.11 21.93 6.15
N TYR C 85 -16.01 22.87 5.83
CA TYR C 85 -16.66 23.64 6.87
C TYR C 85 -18.02 24.12 6.40
N ARG C 86 -18.77 24.70 7.34
CA ARG C 86 -20.12 25.18 7.07
C ARG C 86 -20.30 26.54 7.73
N ALA C 87 -20.26 27.60 6.92
CA ALA C 87 -20.95 28.82 7.28
C ALA C 87 -22.45 28.55 7.23
N GLY C 88 -23.24 29.43 7.87
CA GLY C 88 -24.59 29.03 8.24
C GLY C 88 -25.41 28.49 7.08
N ASN C 89 -25.33 29.15 5.92
CA ASN C 89 -26.13 28.77 4.76
C ASN C 89 -25.37 28.03 3.66
N SER C 90 -24.08 27.74 3.85
CA SER C 90 -23.31 27.11 2.79
C SER C 90 -22.25 26.20 3.40
N ALA C 91 -21.74 25.28 2.57
CA ALA C 91 -20.80 24.26 3.01
C ALA C 91 -19.75 24.06 1.93
N TYR C 92 -18.49 24.07 2.32
CA TYR C 92 -17.37 24.01 1.39
C TYR C 92 -16.48 22.82 1.74
N PHE C 93 -15.97 22.15 0.72
CA PHE C 93 -15.21 20.92 0.89
C PHE C 93 -14.00 20.92 -0.02
N PHE C 94 -12.85 20.53 0.51
CA PHE C 94 -11.67 20.31 -0.33
C PHE C 94 -11.93 19.17 -1.30
N HIS C 95 -11.20 19.17 -2.41
CA HIS C 95 -11.38 18.15 -3.43
C HIS C 95 -10.97 16.79 -2.88
N PRO C 96 -11.89 15.83 -2.77
CA PRO C 96 -11.52 14.51 -2.24
C PRO C 96 -10.58 13.77 -3.18
N ASP C 97 -9.91 12.77 -2.62
CA ASP C 97 -8.88 12.04 -3.34
C ASP C 97 -9.34 10.69 -3.88
N ASN C 98 -10.52 10.21 -3.46
CA ASN C 98 -11.10 9.00 -4.03
C ASN C 98 -12.61 9.06 -3.85
N GLN C 99 -13.29 8.08 -4.46
CA GLN C 99 -14.75 8.11 -4.44
C GLN C 99 -15.29 7.87 -3.03
N GLU C 100 -14.80 6.81 -2.35
CA GLU C 100 -15.30 6.50 -1.01
C GLU C 100 -15.22 7.72 -0.09
N ASP C 101 -14.14 8.49 -0.19
CA ASP C 101 -14.07 9.76 0.50
C ASP C 101 -15.19 10.69 0.01
N ALA C 102 -15.32 10.82 -1.30
CA ALA C 102 -16.33 11.71 -1.89
C ALA C 102 -17.74 11.32 -1.43
N GLU C 103 -18.07 10.04 -1.47
CA GLU C 103 -19.36 9.61 -0.95
C GLU C 103 -19.53 10.04 0.52
N ALA C 104 -18.49 9.82 1.32
CA ALA C 104 -18.56 10.12 2.75
C ALA C 104 -18.93 11.57 3.04
N ILE C 105 -18.34 12.51 2.30
CA ILE C 105 -18.57 13.91 2.60
C ILE C 105 -20.02 14.30 2.35
N THR C 106 -20.72 13.55 1.50
CA THR C 106 -22.13 13.83 1.25
C THR C 106 -23.01 13.57 2.46
N HIS C 107 -22.47 13.01 3.53
CA HIS C 107 -23.19 12.84 4.80
C HIS C 107 -22.91 13.99 5.76
N LEU C 108 -22.18 15.01 5.32
CA LEU C 108 -21.82 16.14 6.15
C LEU C 108 -22.70 17.34 5.78
N PHE C 109 -23.22 18.02 6.79
CA PHE C 109 -24.04 19.22 6.59
C PHE C 109 -25.18 18.95 5.61
N THR C 110 -25.92 17.87 5.87
CA THR C 110 -26.88 17.38 4.88
C THR C 110 -28.03 18.35 4.67
N ASP C 111 -28.38 19.14 5.67
CA ASP C 111 -29.50 20.07 5.60
C ASP C 111 -29.13 21.44 5.03
N VAL C 112 -27.89 21.60 4.54
CA VAL C 112 -27.46 22.90 4.04
C VAL C 112 -28.11 23.20 2.69
N GLN C 113 -28.20 24.49 2.36
CA GLN C 113 -28.82 24.88 1.10
C GLN C 113 -27.83 24.86 -0.06
N ASN C 114 -26.71 25.56 0.08
CA ASN C 114 -25.67 25.58 -0.95
C ASN C 114 -24.52 24.64 -0.56
N ARG C 115 -23.90 24.04 -1.57
CA ARG C 115 -23.01 22.91 -1.36
C ARG C 115 -21.91 22.97 -2.42
N TYR C 116 -20.69 23.24 -1.98
CA TYR C 116 -19.56 23.43 -2.89
C TYR C 116 -18.45 22.44 -2.58
N THR C 117 -17.66 22.14 -3.61
CA THR C 117 -16.45 21.33 -3.49
C THR C 117 -15.34 22.03 -4.25
N PHE C 118 -14.28 22.40 -3.54
CA PHE C 118 -13.21 23.16 -4.17
C PHE C 118 -12.48 22.33 -5.21
N ALA C 119 -11.94 23.02 -6.20
CA ALA C 119 -11.13 22.39 -7.23
C ALA C 119 -9.68 22.23 -6.79
N PHE C 120 -9.47 21.89 -5.52
CA PHE C 120 -8.14 21.68 -4.97
C PHE C 120 -8.28 20.96 -3.64
N GLY C 121 -7.17 20.40 -3.16
CA GLY C 121 -7.15 19.68 -1.91
C GLY C 121 -6.67 20.54 -0.74
N GLY C 122 -6.67 19.92 0.44
CA GLY C 122 -6.26 20.55 1.67
C GLY C 122 -4.79 20.49 1.99
N ASN C 123 -3.99 19.86 1.15
CA ASN C 123 -2.56 19.69 1.45
C ASN C 123 -1.87 21.05 1.52
N TYR C 124 -0.84 21.14 2.37
CA TYR C 124 -0.23 22.42 2.68
C TYR C 124 0.37 23.08 1.44
N ASP C 125 0.89 22.29 0.50
CA ASP C 125 1.47 22.85 -0.70
C ASP C 125 0.43 23.65 -1.47
N ARG C 126 -0.72 23.03 -1.71
CA ARG C 126 -1.81 23.71 -2.42
C ARG C 126 -2.27 24.96 -1.67
N LEU C 127 -2.51 24.83 -0.37
CA LEU C 127 -2.96 25.98 0.43
C LEU C 127 -1.95 27.12 0.40
N GLU C 128 -0.66 26.80 0.37
CA GLU C 128 0.34 27.85 0.41
C GLU C 128 0.38 28.65 -0.89
N GLN C 129 0.34 27.97 -2.04
CA GLN C 129 0.33 28.71 -3.30
C GLN C 129 -0.94 29.54 -3.44
N LEU C 130 -2.05 29.08 -2.88
CA LEU C 130 -3.28 29.87 -2.93
C LEU C 130 -3.18 31.07 -2.00
N ALA C 131 -2.58 30.88 -0.82
CA ALA C 131 -2.40 31.96 0.13
C ALA C 131 -1.23 32.86 -0.23
N GLY C 132 -0.35 32.42 -1.12
CA GLY C 132 0.81 33.19 -1.50
C GLY C 132 1.96 33.17 -0.52
N ASN C 133 1.87 32.38 0.55
CA ASN C 133 2.90 32.40 1.58
C ASN C 133 3.01 31.01 2.20
N LEU C 134 4.22 30.67 2.62
CA LEU C 134 4.45 29.46 3.38
C LEU C 134 3.99 29.64 4.82
N ARG C 135 3.66 28.53 5.48
CA ARG C 135 3.30 28.60 6.90
C ARG C 135 4.42 29.24 7.70
N GLU C 136 5.66 29.05 7.25
CA GLU C 136 6.80 29.80 7.77
C GLU C 136 6.52 31.29 7.82
N ASN C 137 5.75 31.82 6.88
CA ASN C 137 5.47 33.25 6.80
C ASN C 137 4.04 33.61 7.15
N ILE C 138 3.30 32.72 7.80
CA ILE C 138 1.90 32.95 8.15
C ILE C 138 1.77 32.84 9.66
N GLU C 139 1.53 33.97 10.32
CA GLU C 139 1.47 34.00 11.78
C GLU C 139 0.31 33.18 12.32
N LEU C 140 0.48 32.67 13.54
CA LEU C 140 -0.53 31.90 14.23
C LEU C 140 -0.73 32.50 15.63
N GLY C 141 -1.77 32.04 16.31
CA GLY C 141 -2.13 32.52 17.62
C GLY C 141 -3.61 32.87 17.68
N ASN C 142 -3.98 33.61 18.73
CA ASN C 142 -5.39 33.94 18.93
C ASN C 142 -5.86 34.97 17.91
N GLY C 143 -5.13 36.08 17.80
CA GLY C 143 -5.40 37.09 16.80
C GLY C 143 -5.66 36.51 15.41
N PRO C 144 -4.69 35.76 14.88
CA PRO C 144 -4.93 35.14 13.56
C PRO C 144 -6.16 34.24 13.51
N LEU C 145 -6.40 33.45 14.56
CA LEU C 145 -7.55 32.54 14.55
C LEU C 145 -8.86 33.32 14.57
N GLU C 146 -9.02 34.23 15.53
CA GLU C 146 -10.14 35.16 15.50
C GLU C 146 -10.34 35.73 14.11
N GLU C 147 -9.29 36.33 13.56
CA GLU C 147 -9.32 36.89 12.22
C GLU C 147 -9.68 35.83 11.19
N ALA C 148 -9.12 34.62 11.33
CA ALA C 148 -9.39 33.56 10.35
C ALA C 148 -10.86 33.19 10.32
N ILE C 149 -11.45 32.90 11.48
CA ILE C 149 -12.83 32.43 11.52
C ILE C 149 -13.83 33.48 11.09
N SER C 150 -13.39 34.72 10.89
CA SER C 150 -14.25 35.73 10.28
C SER C 150 -14.24 35.59 8.76
N ALA C 151 -13.05 35.58 8.16
CA ALA C 151 -12.94 35.42 6.71
C ALA C 151 -13.54 34.10 6.24
N LEU C 152 -13.66 33.10 7.11
CA LEU C 152 -14.34 31.87 6.74
C LEU C 152 -15.85 32.04 6.73
N TYR C 153 -16.37 33.01 7.47
CA TYR C 153 -17.79 33.31 7.45
C TYR C 153 -18.13 34.15 6.21
N TYR C 154 -17.43 35.26 6.02
CA TYR C 154 -17.71 36.19 4.94
C TYR C 154 -17.28 35.68 3.57
N TYR C 155 -16.75 34.45 3.45
CA TYR C 155 -16.49 33.92 2.13
C TYR C 155 -17.79 33.56 1.43
N SER C 156 -18.75 33.01 2.17
CA SER C 156 -20.06 32.69 1.62
C SER C 156 -20.83 33.93 1.20
N THR C 157 -20.39 35.12 1.62
CA THR C 157 -21.02 36.38 1.21
C THR C 157 -20.13 37.15 0.24
N GLY C 158 -19.03 36.57 -0.20
CA GLY C 158 -18.10 37.26 -1.10
C GLY C 158 -17.17 38.23 -0.41
N THR C 160 -14.07 38.15 1.21
CA THR C 160 -12.85 37.40 1.47
C THR C 160 -12.48 36.57 0.24
N GLN C 161 -11.54 37.06 -0.55
CA GLN C 161 -11.07 36.30 -1.70
C GLN C 161 -10.33 35.04 -1.25
N LEU C 162 -9.99 34.19 -2.23
CA LEU C 162 -9.26 32.94 -2.06
C LEU C 162 -8.02 33.09 -1.18
N PRO C 163 -6.99 33.88 -1.58
CA PRO C 163 -5.76 33.97 -0.76
C PRO C 163 -6.04 34.15 0.72
N THR C 164 -6.90 35.12 1.04
CA THR C 164 -7.25 35.34 2.44
C THR C 164 -7.96 34.13 3.02
N LEU C 165 -8.78 33.45 2.23
CA LEU C 165 -9.41 32.22 2.68
C LEU C 165 -8.37 31.14 2.93
N ALA C 166 -7.46 30.94 1.96
CA ALA C 166 -6.45 29.90 2.10
C ALA C 166 -5.60 30.09 3.36
N ARG C 167 -5.15 31.32 3.61
CA ARG C 167 -4.43 31.62 4.85
C ARG C 167 -5.23 31.22 6.07
N SER C 168 -6.55 31.36 6.02
CA SER C 168 -7.37 31.04 7.19
C SER C 168 -7.42 29.53 7.41
N PHE C 169 -7.55 28.76 6.33
CA PHE C 169 -7.41 27.31 6.43
C PHE C 169 -6.07 26.92 7.06
N ILE C 170 -4.98 27.46 6.51
CA ILE C 170 -3.65 27.22 7.06
C ILE C 170 -3.62 27.49 8.56
N ILE C 171 -4.18 28.64 8.97
CA ILE C 171 -4.25 28.96 10.39
C ILE C 171 -5.04 27.91 11.14
N CYS C 172 -6.27 27.64 10.68
CA CYS C 172 -7.16 26.75 11.42
C CYS C 172 -6.63 25.33 11.50
N ILE C 173 -6.12 24.81 10.38
CA ILE C 173 -5.67 23.42 10.34
C ILE C 173 -4.56 23.18 11.37
N GLN C 174 -3.59 24.09 11.45
CA GLN C 174 -2.47 23.91 12.37
C GLN C 174 -2.95 24.00 13.82
N MET C 175 -3.73 25.04 14.15
CA MET C 175 -4.14 25.25 15.53
C MET C 175 -5.14 24.20 16.02
N ILE C 176 -5.68 23.36 15.15
CA ILE C 176 -6.69 22.40 15.56
C ILE C 176 -6.24 20.99 15.21
N SER C 177 -6.16 20.70 13.91
CA SER C 177 -5.74 19.36 13.47
C SER C 177 -4.37 19.00 14.03
N GLU C 178 -3.39 19.89 13.83
CA GLU C 178 -2.02 19.56 14.26
C GLU C 178 -1.90 19.62 15.78
N ALA C 179 -2.58 20.56 16.41
CA ALA C 179 -2.58 20.61 17.87
C ALA C 179 -3.12 19.33 18.47
N ALA C 180 -4.19 18.78 17.89
CA ALA C 180 -4.69 17.49 18.33
C ALA C 180 -3.65 16.39 18.06
N ARG C 181 -3.00 16.44 16.90
CA ARG C 181 -2.03 15.40 16.55
C ARG C 181 -0.79 15.47 17.44
N PHE C 182 -0.38 16.66 17.85
CA PHE C 182 0.88 16.87 18.55
C PHE C 182 0.62 17.74 19.77
N GLN C 183 0.86 17.19 20.97
CA GLN C 183 0.84 18.05 22.14
C GLN C 183 2.02 19.02 22.14
N TYR C 184 3.07 18.74 21.38
CA TYR C 184 4.13 19.71 21.18
C TYR C 184 3.59 20.95 20.46
N ILE C 185 2.83 20.74 19.39
CA ILE C 185 2.23 21.87 18.70
C ILE C 185 1.16 22.51 19.56
N GLU C 186 0.34 21.70 20.23
CA GLU C 186 -0.58 22.25 21.21
C GLU C 186 0.14 23.11 22.24
N GLY C 187 1.30 22.64 22.72
CA GLY C 187 2.07 23.42 23.67
C GLY C 187 2.41 24.81 23.16
N GLU C 188 2.91 24.89 21.91
CA GLU C 188 3.35 26.18 21.37
C GLU C 188 2.18 27.15 21.23
N MET C 189 1.02 26.66 20.81
CA MET C 189 -0.18 27.49 20.79
C MET C 189 -0.52 27.98 22.19
N ARG C 190 -0.44 27.11 23.18
CA ARG C 190 -0.74 27.48 24.56
C ARG C 190 0.15 28.63 25.04
N THR C 191 1.41 28.65 24.62
CA THR C 191 2.31 29.70 25.07
C THR C 191 1.97 31.03 24.40
N ARG C 192 1.54 30.98 23.14
CA ARG C 192 1.13 32.20 22.45
C ARG C 192 -0.09 32.85 23.12
N ILE C 193 -0.91 32.04 23.78
CA ILE C 193 -2.05 32.59 24.52
C ILE C 193 -1.59 33.11 25.87
N ARG C 194 -0.75 32.33 26.57
CA ARG C 194 -0.26 32.74 27.89
C ARG C 194 0.43 34.09 27.82
N TYR C 195 1.34 34.25 26.85
CA TYR C 195 2.10 35.49 26.71
C TYR C 195 1.55 36.44 25.65
N ASN C 196 0.37 36.14 25.11
CA ASN C 196 -0.36 37.04 24.20
C ASN C 196 0.54 37.57 23.08
N ARG C 197 0.88 36.66 22.17
CA ARG C 197 1.68 37.03 21.01
C ARG C 197 1.17 36.30 19.78
N ARG C 198 1.38 36.92 18.62
CA ARG C 198 1.07 36.32 17.32
C ARG C 198 2.34 36.22 16.50
N SER C 199 2.66 35.00 16.06
CA SER C 199 3.89 34.74 15.33
C SER C 199 3.77 33.42 14.58
N ALA C 200 4.41 33.35 13.42
CA ALA C 200 4.45 32.18 12.55
C ALA C 200 5.15 31.02 13.24
N PRO C 201 4.98 29.78 12.76
CA PRO C 201 5.65 28.65 13.40
C PRO C 201 7.10 28.50 12.96
N ASP C 202 7.90 27.94 13.86
CA ASP C 202 9.32 27.73 13.65
C ASP C 202 9.55 26.38 12.99
N PRO C 203 10.78 26.08 12.55
CA PRO C 203 10.99 24.85 11.76
C PRO C 203 10.63 23.57 12.49
N SER C 204 10.61 23.55 13.82
CA SER C 204 10.23 22.34 14.53
C SER C 204 8.75 22.02 14.32
N VAL C 205 7.91 23.06 14.31
CA VAL C 205 6.48 22.86 14.09
C VAL C 205 6.22 22.41 12.66
N ILE C 206 6.82 23.10 11.69
CA ILE C 206 6.61 22.77 10.28
C ILE C 206 7.09 21.36 9.98
N THR C 207 8.29 21.02 10.42
CA THR C 207 8.83 19.69 10.16
C THR C 207 7.99 18.60 10.81
N LEU C 208 7.47 18.86 12.01
CA LEU C 208 6.60 17.89 12.67
C LEU C 208 5.36 17.62 11.83
N GLU C 209 4.73 18.68 11.32
CA GLU C 209 3.57 18.54 10.46
C GLU C 209 3.87 17.65 9.27
N ASN C 210 4.98 17.92 8.58
CA ASN C 210 5.31 17.19 7.35
C ASN C 210 5.54 15.71 7.59
N SER C 211 5.85 15.30 8.82
CA SER C 211 6.31 13.95 9.08
C SER C 211 5.30 13.11 9.87
N TRP C 212 4.15 13.67 10.24
CA TRP C 212 3.17 12.95 11.05
C TRP C 212 2.80 11.61 10.43
N GLY C 213 2.81 11.51 9.11
CA GLY C 213 2.56 10.23 8.46
C GLY C 213 3.80 9.37 8.42
N ARG C 214 4.97 9.99 8.18
CA ARG C 214 6.23 9.26 8.23
C ARG C 214 6.46 8.67 9.62
N LEU C 215 6.11 9.43 10.67
CA LEU C 215 6.25 8.93 12.03
C LEU C 215 5.26 7.81 12.31
N SER C 216 3.99 8.03 11.95
CA SER C 216 2.95 7.03 12.18
C SER C 216 3.33 5.67 11.63
N THR C 217 3.97 5.63 10.46
CA THR C 217 4.43 4.36 9.91
C THR C 217 5.59 3.81 10.73
N ALA C 218 6.59 4.65 11.01
CA ALA C 218 7.74 4.24 11.80
C ALA C 218 7.31 3.60 13.12
N ILE C 219 6.50 4.33 13.90
CA ILE C 219 6.11 3.84 15.22
C ILE C 219 5.37 2.51 15.10
N GLN C 220 4.43 2.41 14.16
CA GLN C 220 3.63 1.21 14.04
C GLN C 220 4.37 0.07 13.38
N GLU C 221 5.48 0.34 12.68
CA GLU C 221 6.29 -0.71 12.06
C GLU C 221 7.65 -0.84 12.73
N SER C 222 7.80 -0.33 13.95
CA SER C 222 9.07 -0.35 14.65
C SER C 222 9.30 -1.69 15.36
N ASN C 223 10.57 -1.98 15.60
CA ASN C 223 10.95 -3.15 16.39
C ASN C 223 10.93 -2.75 17.86
N GLN C 224 9.82 -3.07 18.54
CA GLN C 224 9.65 -2.78 19.96
C GLN C 224 9.91 -1.30 20.25
N GLY C 225 9.56 -0.46 19.28
CA GLY C 225 9.82 0.96 19.34
C GLY C 225 11.09 1.42 18.65
N ALA C 226 11.87 0.50 18.09
CA ALA C 226 13.07 0.86 17.34
C ALA C 226 12.72 1.01 15.87
N PHE C 227 12.94 2.20 15.33
CA PHE C 227 12.69 2.44 13.91
C PHE C 227 13.65 1.62 13.06
N ALA C 228 13.12 1.00 12.01
CA ALA C 228 13.97 0.34 11.03
C ALA C 228 14.86 1.31 10.27
N SER C 229 14.56 2.61 10.33
CA SER C 229 15.34 3.66 9.68
C SER C 229 14.90 5.00 10.27
N PRO C 230 15.80 5.97 10.39
CA PRO C 230 15.49 7.19 11.14
C PRO C 230 14.70 8.20 10.33
N ILE C 231 13.96 9.03 11.06
CA ILE C 231 13.22 10.16 10.51
C ILE C 231 13.90 11.44 10.97
N GLN C 232 14.27 12.29 10.03
CA GLN C 232 14.92 13.55 10.36
C GLN C 232 13.90 14.61 10.76
N LEU C 233 14.20 15.34 11.82
CA LEU C 233 13.34 16.42 12.28
C LEU C 233 14.18 17.70 12.38
N GLN C 234 13.58 18.78 12.86
CA GLN C 234 14.31 20.04 13.03
C GLN C 234 13.95 20.65 14.37
N ARG C 235 14.96 21.23 15.03
CA ARG C 235 14.76 21.91 16.30
C ARG C 235 14.20 23.31 16.06
N ARG C 236 13.86 24.00 17.15
CA ARG C 236 13.31 25.35 17.06
C ARG C 236 14.25 26.31 16.35
N ASN C 237 15.54 25.97 16.28
CA ASN C 237 16.53 26.79 15.60
C ASN C 237 16.89 26.24 14.22
N GLY C 238 16.09 25.32 13.69
CA GLY C 238 16.35 24.77 12.38
C GLY C 238 17.39 23.68 12.32
N SER C 239 17.87 23.22 13.46
CA SER C 239 18.89 22.18 13.51
C SER C 239 18.29 20.81 13.18
N LYS C 240 18.96 20.09 12.27
CA LYS C 240 18.57 18.72 11.98
C LYS C 240 18.92 17.79 13.14
N PHE C 241 18.10 16.77 13.33
CA PHE C 241 18.47 15.64 14.16
C PHE C 241 17.53 14.49 13.84
N SER C 242 18.03 13.27 13.97
CA SER C 242 17.34 12.07 13.53
C SER C 242 16.70 11.34 14.70
N VAL C 243 15.53 10.76 14.46
CA VAL C 243 14.77 10.02 15.45
C VAL C 243 14.91 8.54 15.15
N TYR C 244 15.41 7.77 16.12
CA TYR C 244 15.58 6.34 15.98
C TYR C 244 14.61 5.54 16.84
N ASP C 245 13.87 6.18 17.73
CA ASP C 245 13.06 5.47 18.70
C ASP C 245 11.80 6.23 19.05
N VAL C 246 10.73 5.48 19.33
CA VAL C 246 9.47 6.03 19.81
C VAL C 246 9.65 6.81 21.11
N SER C 247 10.62 6.40 21.95
CA SER C 247 10.72 6.93 23.30
C SER C 247 10.70 8.46 23.33
N ILE C 248 11.30 9.09 22.32
CA ILE C 248 11.40 10.55 22.35
C ILE C 248 10.17 11.24 21.78
N LEU C 249 9.37 10.56 20.96
CA LEU C 249 8.17 11.16 20.40
C LEU C 249 6.97 11.05 21.35
N ILE C 250 7.04 10.18 22.35
CA ILE C 250 5.96 9.93 23.30
C ILE C 250 5.41 11.23 23.90
N PRO C 251 6.24 12.20 24.30
CA PRO C 251 5.70 13.49 24.74
C PRO C 251 5.48 14.48 23.60
N ILE C 252 5.74 14.10 22.36
CA ILE C 252 5.66 15.03 21.25
C ILE C 252 4.38 14.83 20.46
N ILE C 253 4.13 13.60 20.01
CA ILE C 253 3.01 13.27 19.15
C ILE C 253 1.89 12.66 19.99
N ALA C 254 0.65 13.03 19.67
CA ALA C 254 -0.50 12.59 20.45
C ALA C 254 -1.40 11.61 19.72
N LEU C 255 -1.37 11.59 18.40
CA LEU C 255 -2.21 10.69 17.61
C LEU C 255 -1.43 10.22 16.39
N MET C 256 -1.76 9.01 15.94
CA MET C 256 -1.17 8.44 14.75
C MET C 256 -2.27 8.01 13.80
N VAL C 257 -1.99 8.09 12.50
CA VAL C 257 -2.87 7.50 11.51
C VAL C 257 -2.62 6.00 11.46
N TYR C 258 -3.69 5.22 11.58
CA TYR C 258 -3.65 3.77 11.42
C TYR C 258 -2.90 3.40 10.16
N ARG C 259 -1.75 2.75 10.30
CA ARG C 259 -1.01 2.27 9.14
C ARG C 259 -1.05 0.75 8.99
N CYS C 260 -1.32 0.01 10.06
CA CYS C 260 -1.44 -1.44 10.00
C CYS C 260 -2.08 -1.92 11.30
N ALA C 261 -2.50 -3.18 11.30
CA ALA C 261 -3.05 -3.78 12.50
C ALA C 261 -1.96 -3.96 13.56
N PRO C 262 -2.33 -3.96 14.84
CA PRO C 262 -1.31 -4.13 15.89
C PRO C 262 -1.02 -5.59 16.14
N PRO C 263 0.21 -6.02 15.86
CA PRO C 263 0.58 -7.43 16.08
C PRO C 263 0.61 -7.76 17.57
N PRO C 264 0.66 -9.05 17.92
CA PRO C 264 0.76 -9.43 19.33
C PRO C 264 2.03 -8.88 19.98
N SER C 265 1.93 -8.60 21.27
CA SER C 265 3.06 -8.11 22.05
C SER C 265 4.04 -9.26 22.28
N GLN D 3 -6.24 28.03 -20.15
CA GLN D 3 -6.31 28.34 -21.57
C GLN D 3 -7.24 27.37 -22.30
N LEU D 4 -8.46 27.85 -22.57
CA LEU D 4 -9.50 27.05 -23.18
C LEU D 4 -9.52 27.28 -24.70
N ALA D 5 -9.41 26.20 -25.46
CA ALA D 5 -9.34 26.25 -26.92
C ALA D 5 -10.58 25.57 -27.48
N GLU D 6 -11.50 26.35 -28.04
CA GLU D 6 -12.80 25.85 -28.47
C GLU D 6 -12.83 25.68 -29.99
N SER D 7 -13.42 24.57 -30.43
CA SER D 7 -13.49 24.27 -31.85
C SER D 7 -14.69 23.38 -32.15
N GLY D 8 -15.13 23.42 -33.41
CA GLY D 8 -16.12 22.49 -33.91
C GLY D 8 -17.56 22.95 -33.83
N GLY D 9 -17.89 24.04 -34.51
CA GLY D 9 -19.29 24.44 -34.60
C GLY D 9 -19.95 23.74 -35.76
N GLY D 10 -20.57 24.49 -36.66
CA GLY D 10 -20.97 23.96 -37.94
C GLY D 10 -22.37 24.40 -38.31
N LEU D 11 -22.85 23.81 -39.41
CA LEU D 11 -24.14 24.13 -40.02
C LEU D 11 -24.85 22.82 -40.35
N VAL D 12 -26.15 22.76 -40.03
CA VAL D 12 -26.88 21.49 -40.10
C VAL D 12 -28.34 21.75 -40.48
N GLN D 13 -28.86 20.91 -41.37
CA GLN D 13 -30.31 20.82 -41.59
C GLN D 13 -31.00 20.34 -40.33
N ALA D 14 -32.14 20.97 -40.01
CA ALA D 14 -32.80 20.76 -38.74
C ALA D 14 -32.98 19.28 -38.44
N GLY D 15 -32.83 18.93 -37.16
CA GLY D 15 -32.88 17.55 -36.72
C GLY D 15 -31.58 16.77 -36.83
N GLY D 16 -30.50 17.41 -37.28
CA GLY D 16 -29.21 16.76 -37.40
C GLY D 16 -28.38 16.84 -36.14
N SER D 17 -27.06 16.71 -36.32
CA SER D 17 -26.15 16.64 -35.19
C SER D 17 -24.86 17.39 -35.44
N LEU D 18 -24.32 18.00 -34.39
CA LEU D 18 -22.96 18.53 -34.41
C LEU D 18 -22.20 18.15 -33.15
N LYS D 19 -21.00 18.71 -32.97
CA LYS D 19 -20.15 18.33 -31.85
C LYS D 19 -19.16 19.45 -31.56
N LEU D 20 -19.12 19.91 -30.30
CA LEU D 20 -18.20 20.92 -29.84
C LEU D 20 -17.19 20.32 -28.87
N SER D 21 -15.96 20.84 -28.90
CA SER D 21 -14.91 20.32 -28.03
C SER D 21 -14.02 21.45 -27.51
N CYS D 22 -13.45 21.24 -26.34
CA CYS D 22 -12.48 22.17 -25.75
C CYS D 22 -11.31 21.40 -25.18
N ALA D 23 -10.10 21.76 -25.61
CA ALA D 23 -8.86 21.14 -25.15
C ALA D 23 -8.17 22.13 -24.23
N ALA D 24 -8.12 21.80 -22.94
CA ALA D 24 -7.54 22.67 -21.92
C ALA D 24 -6.05 22.40 -21.76
N SER D 25 -5.41 23.25 -20.96
CA SER D 25 -3.97 23.15 -20.71
C SER D 25 -3.74 23.39 -19.22
N GLY D 26 -3.64 22.30 -18.45
CA GLY D 26 -3.50 22.39 -17.02
C GLY D 26 -3.61 21.04 -16.34
N ARG D 27 -2.68 20.78 -15.42
CA ARG D 27 -2.59 19.47 -14.79
C ARG D 27 -3.81 19.20 -13.91
N ASP D 28 -4.33 20.23 -13.25
CA ASP D 28 -5.47 20.09 -12.35
C ASP D 28 -6.79 19.99 -13.09
N PHE D 29 -6.76 19.70 -14.39
CA PHE D 29 -7.97 19.69 -15.21
C PHE D 29 -9.05 18.78 -14.62
N SER D 30 -8.63 17.67 -14.02
CA SER D 30 -9.59 16.69 -13.51
C SER D 30 -10.46 17.24 -12.38
N MET D 31 -10.03 18.32 -11.72
CA MET D 31 -10.75 18.84 -10.57
C MET D 31 -11.66 20.01 -10.93
N TYR D 32 -11.92 20.24 -12.21
CA TYR D 32 -12.64 21.43 -12.67
C TYR D 32 -14.11 21.13 -12.90
N MET D 33 -14.97 22.02 -12.42
CA MET D 33 -16.34 22.10 -12.90
C MET D 33 -16.35 22.67 -14.31
N LEU D 34 -17.05 22.01 -15.22
CA LEU D 34 -17.04 22.34 -16.63
C LEU D 34 -18.46 22.58 -17.13
N ALA D 35 -18.62 23.56 -18.03
CA ALA D 35 -19.95 23.95 -18.48
C ALA D 35 -19.89 24.55 -19.88
N TRP D 36 -21.05 24.57 -20.53
CA TRP D 36 -21.23 25.20 -21.83
C TRP D 36 -22.30 26.29 -21.72
N PHE D 37 -22.06 27.42 -22.39
CA PHE D 37 -23.02 28.51 -22.46
C PHE D 37 -23.22 28.94 -23.90
N ARG D 38 -24.42 29.42 -24.20
CA ARG D 38 -24.75 29.91 -25.53
C ARG D 38 -25.47 31.23 -25.41
N GLN D 39 -25.28 32.09 -26.42
CA GLN D 39 -26.11 33.27 -26.62
C GLN D 39 -26.74 33.16 -28.00
N ALA D 40 -28.06 33.03 -28.03
CA ALA D 40 -28.79 33.15 -29.29
C ALA D 40 -29.08 34.62 -29.57
N PRO D 41 -28.81 35.10 -30.78
CA PRO D 41 -29.06 36.50 -31.10
C PRO D 41 -30.49 36.91 -30.77
N GLY D 42 -30.63 38.06 -30.10
CA GLY D 42 -31.89 38.49 -29.53
C GLY D 42 -32.10 38.05 -28.09
N LYS D 43 -31.48 36.97 -27.69
CA LYS D 43 -31.54 36.46 -26.32
C LYS D 43 -30.24 36.79 -25.58
N GLU D 44 -30.31 36.69 -24.26
CA GLU D 44 -29.14 36.92 -23.43
C GLU D 44 -28.30 35.64 -23.41
N ARG D 45 -27.12 35.71 -22.79
CA ARG D 45 -26.27 34.52 -22.68
C ARG D 45 -26.92 33.51 -21.74
N GLU D 46 -26.95 32.25 -22.16
CA GLU D 46 -27.82 31.27 -21.52
C GLU D 46 -27.04 30.01 -21.14
N PHE D 47 -27.24 29.55 -19.90
CA PHE D 47 -26.68 28.28 -19.46
C PHE D 47 -27.17 27.13 -20.34
N VAL D 48 -26.30 26.14 -20.56
CA VAL D 48 -26.64 25.01 -21.41
C VAL D 48 -26.47 23.70 -20.64
N ALA D 49 -25.23 23.36 -20.27
CA ALA D 49 -24.95 22.10 -19.59
C ALA D 49 -23.74 22.27 -18.69
N ALA D 50 -23.61 21.36 -17.74
CA ALA D 50 -22.48 21.34 -16.82
C ALA D 50 -22.15 19.91 -16.44
N ILE D 51 -20.87 19.68 -16.13
CA ILE D 51 -20.40 18.40 -15.64
C ILE D 51 -19.52 18.64 -14.42
N MET D 52 -19.76 17.88 -13.36
CA MET D 52 -19.01 18.01 -12.13
C MET D 52 -17.72 17.21 -12.23
N CYS D 53 -16.67 17.68 -11.55
CA CYS D 53 -15.44 16.91 -11.52
C CYS D 53 -15.72 15.54 -10.91
N SER D 54 -14.88 14.57 -11.27
CA SER D 54 -15.10 13.18 -10.85
C SER D 54 -15.26 13.09 -9.33
N GLY D 55 -14.40 13.76 -8.58
CA GLY D 55 -14.49 13.74 -7.12
C GLY D 55 -15.63 14.52 -6.52
N GLY D 56 -16.43 15.21 -7.34
CA GLY D 56 -17.56 15.96 -6.85
C GLY D 56 -18.88 15.35 -7.23
N GLY D 57 -18.89 14.04 -7.47
CA GLY D 57 -20.07 13.36 -7.94
C GLY D 57 -19.98 13.03 -9.40
N GLY D 58 -19.48 13.98 -10.20
CA GLY D 58 -19.39 13.80 -11.62
C GLY D 58 -20.71 13.93 -12.36
N GLY D 59 -21.76 14.40 -11.70
CA GLY D 59 -23.06 14.49 -12.33
C GLY D 59 -23.08 15.50 -13.46
N THR D 60 -23.91 15.22 -14.45
CA THR D 60 -24.11 16.09 -15.60
C THR D 60 -25.49 16.74 -15.50
N TYR D 61 -25.57 18.02 -15.83
CA TYR D 61 -26.79 18.79 -15.67
C TYR D 61 -27.07 19.56 -16.95
N TYR D 62 -28.36 19.64 -17.31
CA TYR D 62 -28.79 20.32 -18.52
C TYR D 62 -29.93 21.28 -18.21
N ALA D 63 -30.06 22.31 -19.03
CA ALA D 63 -31.24 23.17 -18.97
C ALA D 63 -32.43 22.48 -19.61
N ASP D 64 -33.63 22.78 -19.08
CA ASP D 64 -34.84 22.08 -19.51
C ASP D 64 -35.03 22.15 -21.02
N SER D 65 -34.87 23.33 -21.60
CA SER D 65 -35.03 23.46 -23.04
C SER D 65 -33.91 22.75 -23.80
N MET D 66 -32.85 22.33 -23.10
CA MET D 66 -31.70 21.66 -23.70
C MET D 66 -31.64 20.16 -23.39
N GLN D 67 -32.34 19.70 -22.35
CA GLN D 67 -32.22 18.31 -21.90
C GLN D 67 -32.66 17.34 -22.99
N GLY D 68 -31.98 16.20 -23.05
CA GLY D 68 -32.28 15.17 -24.04
C GLY D 68 -31.54 15.34 -25.35
N ARG D 69 -31.72 16.49 -26.02
CA ARG D 69 -31.03 16.69 -27.28
C ARG D 69 -29.52 16.74 -27.12
N PHE D 70 -29.04 17.20 -25.97
CA PHE D 70 -27.62 17.49 -25.76
C PHE D 70 -27.05 16.58 -24.67
N THR D 71 -25.72 16.46 -24.67
CA THR D 71 -25.02 15.57 -23.75
C THR D 71 -23.61 16.10 -23.56
N ILE D 72 -23.21 16.28 -22.31
CA ILE D 72 -21.90 16.85 -21.98
C ILE D 72 -21.01 15.75 -21.40
N SER D 73 -19.72 15.86 -21.70
CA SER D 73 -18.75 14.86 -21.27
C SER D 73 -17.37 15.49 -21.23
N ARG D 74 -16.50 14.87 -20.45
CA ARG D 74 -15.11 15.28 -20.35
C ARG D 74 -14.22 14.07 -20.59
N ASP D 75 -13.02 14.34 -21.10
CA ASP D 75 -11.97 13.32 -21.21
C ASP D 75 -10.78 13.85 -20.42
N ASN D 76 -10.71 13.48 -19.14
CA ASN D 76 -9.64 13.98 -18.27
C ASN D 76 -8.27 13.61 -18.80
N ALA D 77 -8.12 12.41 -19.36
CA ALA D 77 -6.83 12.00 -19.91
C ALA D 77 -6.40 12.90 -21.06
N LYS D 78 -7.34 13.25 -21.95
CA LYS D 78 -7.04 14.14 -23.06
C LYS D 78 -7.26 15.60 -22.75
N LYS D 79 -7.74 15.92 -21.53
CA LYS D 79 -8.05 17.29 -21.15
C LYS D 79 -9.01 17.93 -22.14
N THR D 80 -10.07 17.20 -22.49
CA THR D 80 -11.06 17.69 -23.43
C THR D 80 -12.44 17.67 -22.80
N VAL D 81 -13.27 18.61 -23.22
CA VAL D 81 -14.68 18.65 -22.86
C VAL D 81 -15.45 18.52 -24.16
N ALA D 82 -16.67 17.99 -24.07
CA ALA D 82 -17.45 17.75 -25.27
C ALA D 82 -18.90 18.20 -25.06
N LEU D 83 -19.53 18.59 -26.16
CA LEU D 83 -20.96 18.84 -26.21
C LEU D 83 -21.50 18.24 -27.50
N GLN D 84 -22.17 17.10 -27.39
CA GLN D 84 -22.76 16.43 -28.53
C GLN D 84 -24.19 16.91 -28.70
N MET D 85 -24.48 17.50 -29.85
CA MET D 85 -25.76 18.14 -30.12
C MET D 85 -26.58 17.27 -31.05
N ASN D 86 -27.77 16.87 -30.62
CA ASN D 86 -28.64 15.99 -31.37
C ASN D 86 -30.02 16.60 -31.54
N SER D 87 -30.72 16.15 -32.58
CA SER D 87 -32.04 16.65 -32.95
C SER D 87 -32.08 18.17 -32.86
N LEU D 88 -31.24 18.79 -33.67
CA LEU D 88 -31.03 20.23 -33.53
C LEU D 88 -32.24 21.00 -34.04
N LYS D 89 -32.87 21.75 -33.15
CA LYS D 89 -33.93 22.66 -33.51
C LYS D 89 -33.33 23.94 -34.08
N PRO D 90 -34.13 24.75 -34.78
CA PRO D 90 -33.60 26.04 -35.25
C PRO D 90 -33.41 27.05 -34.13
N GLU D 91 -34.10 26.87 -32.99
CA GLU D 91 -33.84 27.68 -31.80
C GLU D 91 -32.38 27.56 -31.35
N ASP D 92 -31.78 26.39 -31.54
CA ASP D 92 -30.45 26.12 -30.99
C ASP D 92 -29.34 26.81 -31.78
N THR D 93 -29.69 27.71 -32.70
CA THR D 93 -28.67 28.49 -33.41
C THR D 93 -28.14 29.58 -32.49
N ALA D 94 -26.87 29.50 -32.15
CA ALA D 94 -26.27 30.42 -31.21
C ALA D 94 -24.76 30.32 -31.30
N VAL D 95 -24.09 31.26 -30.66
CA VAL D 95 -22.66 31.15 -30.40
C VAL D 95 -22.47 30.48 -29.06
N TYR D 96 -21.65 29.45 -29.03
CA TYR D 96 -21.45 28.61 -27.85
C TYR D 96 -20.08 28.87 -27.25
N TYR D 97 -19.99 28.73 -25.92
CA TYR D 97 -18.78 29.03 -25.17
C TYR D 97 -18.47 27.89 -24.21
N CYS D 98 -17.19 27.71 -23.94
CA CYS D 98 -16.74 26.82 -22.87
C CYS D 98 -16.56 27.62 -21.58
N ALA D 99 -16.76 26.94 -20.45
CA ALA D 99 -16.57 27.56 -19.15
C ALA D 99 -15.93 26.55 -18.21
N ALA D 100 -14.88 26.97 -17.51
CA ALA D 100 -14.20 26.13 -16.53
C ALA D 100 -14.08 26.88 -15.22
N SER D 101 -14.38 26.20 -14.12
CA SER D 101 -14.17 26.74 -12.79
C SER D 101 -12.89 26.17 -12.20
N THR D 102 -11.89 27.02 -12.00
CA THR D 102 -10.70 26.61 -11.27
C THR D 102 -10.90 26.62 -9.75
N THR D 103 -11.91 27.34 -9.28
CA THR D 103 -12.17 27.38 -7.84
C THR D 103 -12.98 26.19 -7.36
N TYR D 104 -13.83 25.62 -8.21
CA TYR D 104 -14.86 24.71 -7.75
C TYR D 104 -14.85 23.43 -8.59
N CYS D 105 -14.93 22.30 -7.91
CA CYS D 105 -15.13 21.02 -8.59
C CYS D 105 -16.61 20.74 -8.82
N SER D 106 -17.45 21.12 -7.87
CA SER D 106 -18.89 20.90 -7.93
C SER D 106 -19.55 22.02 -7.14
N ALA D 107 -20.75 22.39 -7.57
CA ALA D 107 -21.48 23.48 -6.94
C ALA D 107 -22.96 23.32 -7.23
N THR D 108 -23.79 23.47 -6.20
CA THR D 108 -25.23 23.47 -6.41
C THR D 108 -25.65 24.58 -7.37
N THR D 109 -24.90 25.68 -7.42
CA THR D 109 -25.22 26.84 -8.25
C THR D 109 -24.41 26.83 -9.54
N TYR D 110 -24.26 25.66 -10.16
CA TYR D 110 -23.42 25.51 -11.34
C TYR D 110 -23.88 26.40 -12.49
N SER D 111 -25.20 26.62 -12.61
CA SER D 111 -25.75 27.35 -13.74
C SER D 111 -25.20 28.76 -13.87
N SER D 112 -24.74 29.34 -12.76
CA SER D 112 -24.26 30.73 -12.78
C SER D 112 -22.96 30.83 -13.58
N ASP D 113 -22.98 31.68 -14.61
CA ASP D 113 -21.75 32.00 -15.33
C ASP D 113 -20.70 32.64 -14.42
N ARG D 114 -21.12 33.19 -13.27
CA ARG D 114 -20.18 33.89 -12.40
C ARG D 114 -19.15 32.95 -11.77
N LEU D 115 -19.45 31.65 -11.70
CA LEU D 115 -18.57 30.69 -11.05
C LEU D 115 -17.40 30.26 -11.93
N TYR D 116 -17.37 30.64 -13.20
CA TYR D 116 -16.40 30.13 -14.15
C TYR D 116 -15.37 31.20 -14.49
N ASP D 117 -14.11 30.80 -14.48
CA ASP D 117 -12.99 31.72 -14.65
C ASP D 117 -12.46 31.78 -16.07
N PHE D 118 -12.55 30.68 -16.81
CA PHE D 118 -11.92 30.60 -18.12
C PHE D 118 -12.99 30.26 -19.15
N TRP D 119 -12.82 30.80 -20.36
CA TRP D 119 -13.88 30.81 -21.35
C TRP D 119 -13.30 30.56 -22.72
N GLY D 120 -13.89 29.61 -23.44
CA GLY D 120 -13.52 29.42 -24.84
C GLY D 120 -13.86 30.66 -25.65
N GLN D 121 -13.32 30.69 -26.86
CA GLN D 121 -13.49 31.87 -27.70
C GLN D 121 -14.93 32.05 -28.16
N GLY D 122 -15.68 30.96 -28.29
CA GLY D 122 -17.03 31.01 -28.80
C GLY D 122 -17.08 30.70 -30.29
N THR D 123 -17.87 29.71 -30.66
CA THR D 123 -17.98 29.25 -32.04
C THR D 123 -19.44 29.16 -32.46
N GLN D 124 -19.68 29.42 -33.74
CA GLN D 124 -21.03 29.58 -34.27
C GLN D 124 -21.64 28.23 -34.64
N VAL D 125 -22.84 27.97 -34.12
CA VAL D 125 -23.66 26.84 -34.53
C VAL D 125 -24.94 27.39 -35.16
N THR D 126 -25.24 26.96 -36.38
CA THR D 126 -26.41 27.43 -37.12
C THR D 126 -27.20 26.24 -37.64
N VAL D 127 -28.52 26.31 -37.50
CA VAL D 127 -29.44 25.26 -37.91
C VAL D 127 -30.38 25.81 -38.98
N SER D 128 -30.35 25.21 -40.16
CA SER D 128 -31.23 25.60 -41.26
C SER D 128 -32.41 24.63 -41.38
N SER D 129 -33.45 25.08 -42.08
CA SER D 129 -34.56 24.22 -42.43
C SER D 129 -35.02 24.48 -43.86
CL CL E . 5.83 -4.44 21.64
CL CL F . -3.09 44.13 12.60
#